data_4DY0
#
_entry.id   4DY0
#
_cell.length_a   140.650
_cell.length_b   140.650
_cell.length_c   93.550
_cell.angle_alpha   90.00
_cell.angle_beta   90.00
_cell.angle_gamma   90.00
#
_symmetry.space_group_name_H-M   'P 41 21 2'
#
loop_
_entity.id
_entity.type
_entity.pdbx_description
1 polymer 'Glia-derived nexin'
2 branched '2-deoxy-6-O-sulfo-2-(sulfoamino)-alpha-D-glucopyranose-(1-4)-2-O-sulfo-alpha-L-idopyranuronic acid'
3 non-polymer 'SULFATE ION'
4 non-polymer GLYCEROL
5 water water
#
_entity_poly.entity_id   1
_entity_poly.type   'polypeptide(L)'
_entity_poly.pdbx_seq_one_letter_code
;SHFNPLSLEELGSNTGIQVFNQIVKSRPHDNIVISPHGIASVLGMLQLGADGRTKKQLAMVMRYGVNGVGKILKKINKAI
VSKKNKDIVTVANAVFVKNASEIEVPFVTRNKDVFQCEVRNVNFEDPASACDSINAWVKNETRDMIDNLLSPDLIDGVLT
RLVLVNAVYFKGLWKSRFQPENTKKRTFVAADGKSYQVPMLAQLSVFRCGSTSAPNDLWYNFIELPYHGESISMLIALPT
ESSTPLSAIIPHISTKTIDSWMSIMVPKRVQVILPKFTAVAQTDLKEPLKVLGITDMFDSSKANFAKITTGSENLHVSHI
LQKAKIEVSEDGTKASAATTAILIARSSPPWFIVDRPFLFFIRHNPTGAVLFMGQINKP
;
_entity_poly.pdbx_strand_id   A,B
#
# COMPACT_ATOMS: atom_id res chain seq x y z
N PHE A 3 12.17 -22.57 -17.38
CA PHE A 3 12.90 -23.84 -17.68
C PHE A 3 12.48 -24.96 -16.73
N ASN A 4 12.77 -24.76 -15.45
CA ASN A 4 12.37 -25.72 -14.41
C ASN A 4 10.94 -25.49 -13.93
N PRO A 5 10.12 -26.55 -13.93
CA PRO A 5 8.70 -26.49 -13.57
C PRO A 5 8.43 -25.75 -12.26
N LEU A 6 9.21 -26.05 -11.23
CA LEU A 6 9.04 -25.42 -9.93
C LEU A 6 9.34 -23.92 -9.98
N SER A 7 10.39 -23.57 -10.72
CA SER A 7 10.75 -22.16 -10.89
C SER A 7 9.70 -21.39 -11.67
N LEU A 8 9.15 -22.02 -12.70
CA LEU A 8 8.14 -21.39 -13.53
C LEU A 8 6.89 -21.06 -12.71
N GLU A 9 6.48 -22.02 -11.88
CA GLU A 9 5.32 -21.81 -11.02
C GLU A 9 5.60 -20.73 -10.01
N GLU A 10 6.84 -20.70 -9.51
CA GLU A 10 7.24 -19.71 -8.53
C GLU A 10 7.08 -18.29 -9.07
N LEU A 11 7.49 -18.08 -10.32
CA LEU A 11 7.35 -16.78 -10.95
C LEU A 11 5.88 -16.36 -10.99
N GLY A 12 5.02 -17.29 -11.39
CA GLY A 12 3.60 -17.02 -11.52
C GLY A 12 2.93 -16.76 -10.18
N SER A 13 3.23 -17.61 -9.19
CA SER A 13 2.64 -17.47 -7.87
C SER A 13 3.07 -16.17 -7.21
N ASN A 14 4.33 -15.80 -7.38
CA ASN A 14 4.82 -14.55 -6.81
C ASN A 14 4.16 -13.33 -7.45
N THR A 15 3.95 -13.38 -8.76
CA THR A 15 3.20 -12.32 -9.43
C THR A 15 1.84 -12.21 -8.77
N GLY A 16 1.18 -13.35 -8.60
CA GLY A 16 -0.14 -13.36 -7.98
C GLY A 16 -0.12 -12.84 -6.56
N ILE A 17 0.90 -13.20 -5.80
CA ILE A 17 1.01 -12.77 -4.42
C ILE A 17 1.22 -11.25 -4.34
N GLN A 18 2.04 -10.72 -5.25
CA GLN A 18 2.30 -9.28 -5.30
C GLN A 18 1.00 -8.51 -5.48
N VAL A 19 0.11 -9.06 -6.31
CA VAL A 19 -1.21 -8.46 -6.49
C VAL A 19 -1.96 -8.47 -5.16
N PHE A 20 -2.00 -9.63 -4.51
CA PHE A 20 -2.63 -9.73 -3.20
C PHE A 20 -2.10 -8.65 -2.25
N ASN A 21 -0.78 -8.47 -2.24
CA ASN A 21 -0.14 -7.52 -1.34
C ASN A 21 -0.58 -6.09 -1.61
N GLN A 22 -0.91 -5.82 -2.86
CA GLN A 22 -1.41 -4.50 -3.23
C GLN A 22 -2.80 -4.29 -2.67
N ILE A 23 -3.69 -5.22 -2.99
CA ILE A 23 -5.09 -5.11 -2.60
C ILE A 23 -5.21 -4.97 -1.09
N VAL A 24 -4.51 -5.86 -0.39
CA VAL A 24 -4.50 -5.90 1.06
C VAL A 24 -3.97 -4.60 1.69
N LYS A 25 -3.00 -3.96 1.05
CA LYS A 25 -2.54 -2.66 1.52
C LYS A 25 -3.60 -1.58 1.29
N SER A 26 -4.37 -1.72 0.23
CA SER A 26 -5.41 -0.72 -0.05
C SER A 26 -6.67 -1.01 0.77
N ARG A 27 -6.88 -2.27 1.14
N ARG A 27 -6.89 -2.24 1.16
CA ARG A 27 -8.05 -2.70 1.90
CA ARG A 27 -8.03 -2.63 1.90
C ARG A 27 -7.65 -3.48 3.16
C ARG A 27 -7.63 -3.45 3.13
N PRO A 28 -7.05 -2.80 4.13
CA PRO A 28 -6.45 -3.47 5.29
C PRO A 28 -7.46 -4.25 6.14
N HIS A 29 -8.72 -3.82 6.13
CA HIS A 29 -9.72 -4.38 7.06
C HIS A 29 -10.79 -5.25 6.40
N ASP A 30 -10.63 -5.52 5.11
CA ASP A 30 -11.60 -6.34 4.39
C ASP A 30 -11.17 -7.80 4.29
N ASN A 31 -12.13 -8.65 4.00
CA ASN A 31 -11.84 -10.02 3.66
C ASN A 31 -11.39 -10.07 2.20
N ILE A 32 -10.13 -10.47 2.00
CA ILE A 32 -9.59 -10.53 0.65
C ILE A 32 -9.15 -11.97 0.36
N VAL A 33 -9.75 -12.56 -0.66
CA VAL A 33 -9.40 -13.93 -1.05
C VAL A 33 -9.07 -13.97 -2.53
N ILE A 34 -7.80 -14.22 -2.82
CA ILE A 34 -7.27 -14.19 -4.17
C ILE A 34 -6.72 -15.58 -4.51
N SER A 35 -6.60 -15.85 -5.81
CA SER A 35 -5.88 -17.05 -6.24
C SER A 35 -4.64 -16.62 -7.01
N PRO A 36 -3.48 -16.61 -6.34
CA PRO A 36 -2.26 -16.14 -6.99
C PRO A 36 -1.97 -16.89 -8.28
N HIS A 37 -2.16 -18.20 -8.27
CA HIS A 37 -1.92 -19.00 -9.47
C HIS A 37 -2.91 -18.66 -10.57
N GLY A 38 -4.15 -18.41 -10.19
CA GLY A 38 -5.19 -18.03 -11.13
C GLY A 38 -4.84 -16.73 -11.82
N ILE A 39 -4.17 -15.85 -11.09
CA ILE A 39 -3.70 -14.59 -11.66
C ILE A 39 -2.66 -14.88 -12.73
N ALA A 40 -1.73 -15.78 -12.42
CA ALA A 40 -0.71 -16.20 -13.38
C ALA A 40 -1.34 -16.75 -14.66
N SER A 41 -2.30 -17.65 -14.51
CA SER A 41 -2.98 -18.23 -15.66
C SER A 41 -3.69 -17.15 -16.50
N VAL A 42 -4.48 -16.30 -15.77
CA VAL A 42 -5.19 -15.23 -16.45
C VAL A 42 -4.25 -14.36 -17.30
N LEU A 43 -2.97 -14.07 -16.85
CA LEU A 43 -2.00 -13.28 -17.62
C LEU A 43 -1.50 -14.09 -18.81
N GLY A 44 -1.32 -15.39 -18.63
CA GLY A 44 -0.94 -16.27 -19.73
C GLY A 44 -2.00 -16.29 -20.82
N MET A 45 -3.25 -16.46 -20.41
CA MET A 45 -4.37 -16.41 -21.32
C MET A 45 -4.31 -15.16 -22.20
N LEU A 46 -4.14 -14.00 -21.57
CA LEU A 46 -4.06 -12.73 -22.30
C LEU A 46 -2.78 -12.61 -23.14
N GLN A 47 -1.71 -13.25 -22.70
CA GLN A 47 -0.46 -13.16 -23.45
C GLN A 47 -0.60 -13.84 -24.80
N LEU A 48 -1.42 -14.88 -24.85
CA LEU A 48 -1.70 -15.63 -26.07
C LEU A 48 -2.26 -14.75 -27.18
N GLY A 49 -2.92 -13.65 -26.81
CA GLY A 49 -3.59 -12.81 -27.80
C GLY A 49 -2.94 -11.46 -28.03
N ALA A 50 -2.01 -11.10 -27.14
CA ALA A 50 -1.37 -9.79 -27.19
C ALA A 50 -0.28 -9.68 -28.27
N ASP A 51 0.05 -8.46 -28.64
CA ASP A 51 1.13 -8.18 -29.56
C ASP A 51 1.74 -6.83 -29.22
N GLY A 52 2.86 -6.49 -29.85
CA GLY A 52 3.52 -5.19 -29.61
C GLY A 52 3.74 -4.89 -28.14
N ARG A 53 3.62 -3.62 -27.77
CA ARG A 53 3.81 -3.18 -26.38
C ARG A 53 2.94 -3.94 -25.38
N THR A 54 1.70 -4.24 -25.76
CA THR A 54 0.81 -4.97 -24.88
C THR A 54 1.42 -6.31 -24.47
N LYS A 55 1.97 -7.03 -25.44
CA LYS A 55 2.64 -8.31 -25.18
C LYS A 55 3.92 -8.09 -24.38
N LYS A 56 4.66 -7.05 -24.74
CA LYS A 56 5.93 -6.71 -24.09
C LYS A 56 5.75 -6.46 -22.58
N GLN A 57 4.74 -5.68 -22.21
CA GLN A 57 4.49 -5.41 -20.79
C GLN A 57 4.15 -6.70 -20.04
N LEU A 58 3.31 -7.53 -20.63
CA LEU A 58 2.94 -8.80 -20.02
C LEU A 58 4.16 -9.70 -19.82
N ALA A 59 4.97 -9.84 -20.87
CA ALA A 59 6.14 -10.71 -20.82
C ALA A 59 7.14 -10.21 -19.77
N MET A 60 7.30 -8.90 -19.69
CA MET A 60 8.21 -8.31 -18.71
C MET A 60 7.77 -8.59 -17.28
N VAL A 61 6.47 -8.41 -17.02
CA VAL A 61 5.96 -8.62 -15.67
C VAL A 61 5.96 -10.10 -15.29
N MET A 62 5.50 -10.95 -16.19
CA MET A 62 5.46 -12.38 -15.93
C MET A 62 6.87 -12.98 -15.95
N ARG A 63 7.77 -12.32 -16.66
CA ARG A 63 9.15 -12.76 -16.73
C ARG A 63 9.28 -14.04 -17.55
N TYR A 64 8.29 -14.29 -18.41
CA TYR A 64 8.37 -15.40 -19.36
C TYR A 64 7.31 -15.29 -20.45
N GLY A 65 7.55 -15.96 -21.57
CA GLY A 65 6.58 -16.01 -22.66
C GLY A 65 5.87 -17.35 -22.68
N VAL A 66 4.57 -17.33 -22.95
CA VAL A 66 3.80 -18.56 -22.98
C VAL A 66 4.27 -19.49 -24.09
N ASN A 67 4.54 -18.92 -25.27
CA ASN A 67 5.12 -19.68 -26.37
C ASN A 67 6.48 -20.22 -25.97
N GLY A 68 6.60 -21.55 -25.88
CA GLY A 68 7.86 -22.17 -25.52
C GLY A 68 7.92 -22.56 -24.05
N VAL A 69 6.83 -22.33 -23.34
CA VAL A 69 6.71 -22.83 -21.97
C VAL A 69 5.33 -23.42 -21.77
N GLY A 70 4.47 -23.26 -22.78
CA GLY A 70 3.09 -23.73 -22.72
C GLY A 70 2.92 -25.14 -22.19
N LYS A 71 3.68 -26.08 -22.73
CA LYS A 71 3.60 -27.48 -22.31
C LYS A 71 3.83 -27.62 -20.79
N ILE A 72 4.79 -26.86 -20.27
CA ILE A 72 5.05 -26.87 -18.83
C ILE A 72 3.88 -26.26 -18.05
N LEU A 73 3.45 -25.08 -18.47
CA LEU A 73 2.28 -24.44 -17.89
C LEU A 73 1.10 -25.41 -17.87
N LYS A 74 0.88 -26.08 -18.99
CA LYS A 74 -0.22 -27.02 -19.12
C LYS A 74 -0.10 -28.17 -18.13
N LYS A 75 1.08 -28.76 -18.04
CA LYS A 75 1.34 -29.87 -17.13
C LYS A 75 1.03 -29.47 -15.69
N ILE A 76 1.45 -28.25 -15.32
CA ILE A 76 1.19 -27.74 -13.98
C ILE A 76 -0.30 -27.56 -13.74
N ASN A 77 -0.98 -26.93 -14.70
CA ASN A 77 -2.41 -26.67 -14.59
C ASN A 77 -3.27 -27.93 -14.45
N LYS A 78 -2.98 -28.95 -15.25
CA LYS A 78 -3.74 -30.19 -15.17
C LYS A 78 -3.42 -30.94 -13.88
N ALA A 79 -2.19 -30.80 -13.42
CA ALA A 79 -1.75 -31.46 -12.19
C ALA A 79 -2.44 -30.87 -10.95
N ILE A 80 -2.80 -29.60 -11.01
CA ILE A 80 -3.50 -28.95 -9.91
C ILE A 80 -4.95 -29.40 -9.81
N VAL A 81 -5.59 -29.56 -10.96
CA VAL A 81 -7.01 -29.91 -10.99
C VAL A 81 -7.23 -31.42 -11.05
N SER A 82 -6.15 -32.17 -11.23
CA SER A 82 -6.23 -33.62 -11.38
C SER A 82 -7.03 -34.31 -10.27
N LYS A 83 -7.83 -35.30 -10.65
CA LYS A 83 -8.58 -36.12 -9.70
C LYS A 83 -7.63 -36.88 -8.80
N LYS A 84 -6.40 -37.05 -9.27
CA LYS A 84 -5.34 -37.74 -8.55
C LYS A 84 -5.08 -37.09 -7.19
N ASN A 85 -5.43 -35.81 -7.08
CA ASN A 85 -5.26 -35.07 -5.83
C ASN A 85 -6.20 -35.54 -4.73
N LYS A 86 -7.28 -36.22 -5.14
CA LYS A 86 -8.32 -36.67 -4.21
C LYS A 86 -9.11 -35.48 -3.66
N ASP A 87 -8.40 -34.45 -3.21
CA ASP A 87 -9.03 -33.19 -2.84
C ASP A 87 -9.15 -32.34 -4.10
N ILE A 88 -10.38 -32.01 -4.48
CA ILE A 88 -10.61 -31.43 -5.81
C ILE A 88 -10.77 -29.92 -5.83
N VAL A 89 -9.89 -29.26 -6.57
CA VAL A 89 -9.96 -27.82 -6.80
C VAL A 89 -10.70 -27.57 -8.12
N THR A 90 -11.77 -26.78 -8.06
CA THR A 90 -12.52 -26.46 -9.27
C THR A 90 -12.14 -25.09 -9.80
N VAL A 91 -11.75 -25.04 -11.07
CA VAL A 91 -11.33 -23.80 -11.70
C VAL A 91 -12.09 -23.53 -12.99
N ALA A 92 -12.65 -22.34 -13.12
CA ALA A 92 -13.36 -21.97 -14.32
C ALA A 92 -12.72 -20.74 -14.95
N ASN A 93 -12.19 -20.91 -16.15
CA ASN A 93 -11.56 -19.81 -16.87
C ASN A 93 -12.27 -19.51 -18.18
N ALA A 94 -12.56 -18.23 -18.41
CA ALA A 94 -13.27 -17.84 -19.62
C ALA A 94 -12.87 -16.46 -20.13
N VAL A 95 -12.74 -16.34 -21.44
CA VAL A 95 -12.59 -15.05 -22.10
C VAL A 95 -13.89 -14.75 -22.82
N PHE A 96 -14.65 -13.78 -22.28
CA PHE A 96 -15.91 -13.40 -22.88
C PHE A 96 -15.72 -12.26 -23.87
N VAL A 97 -16.14 -12.54 -25.07
CA VAL A 97 -15.90 -11.69 -26.18
C VAL A 97 -17.20 -11.44 -26.97
N LYS A 98 -17.35 -10.28 -27.54
CA LYS A 98 -18.61 -9.96 -28.20
C LYS A 98 -18.99 -10.89 -29.40
N ASN A 99 -18.06 -11.19 -30.27
CA ASN A 99 -18.35 -12.12 -31.32
C ASN A 99 -17.28 -13.13 -31.37
N ALA A 100 -17.56 -14.29 -30.82
CA ALA A 100 -16.64 -15.39 -30.77
C ALA A 100 -16.34 -16.05 -32.09
N SER A 101 -17.16 -15.88 -33.09
CA SER A 101 -16.82 -16.46 -34.37
C SER A 101 -15.58 -15.83 -35.07
N GLU A 102 -15.43 -14.52 -34.97
CA GLU A 102 -14.32 -13.76 -35.55
C GLU A 102 -12.94 -14.01 -34.96
N ILE A 103 -12.87 -14.65 -33.82
CA ILE A 103 -11.63 -14.97 -33.12
C ILE A 103 -10.72 -15.95 -33.82
N GLU A 104 -9.45 -15.65 -33.85
CA GLU A 104 -8.43 -16.50 -34.43
C GLU A 104 -8.32 -17.84 -33.71
N VAL A 105 -8.20 -18.92 -34.49
CA VAL A 105 -8.25 -20.28 -33.97
C VAL A 105 -7.16 -20.62 -32.95
N PRO A 106 -5.90 -20.31 -33.28
CA PRO A 106 -4.81 -20.60 -32.35
C PRO A 106 -5.10 -20.06 -30.95
N PHE A 107 -5.55 -18.81 -30.87
CA PHE A 107 -5.87 -18.20 -29.59
C PHE A 107 -6.92 -19.02 -28.82
N VAL A 108 -7.94 -19.50 -29.53
CA VAL A 108 -8.97 -20.33 -28.92
C VAL A 108 -8.40 -21.68 -28.52
N THR A 109 -7.66 -22.28 -29.45
CA THR A 109 -7.06 -23.59 -29.25
C THR A 109 -6.06 -23.60 -28.10
N ARG A 110 -5.06 -22.73 -28.19
CA ARG A 110 -4.01 -22.64 -27.17
C ARG A 110 -4.59 -22.41 -25.78
N ASN A 111 -5.60 -21.56 -25.68
CA ASN A 111 -6.22 -21.27 -24.39
C ASN A 111 -6.91 -22.50 -23.78
N LYS A 112 -7.61 -23.26 -24.62
CA LYS A 112 -8.27 -24.47 -24.15
C LYS A 112 -7.22 -25.48 -23.70
N ASP A 113 -6.18 -25.63 -24.51
CA ASP A 113 -5.15 -26.61 -24.26
C ASP A 113 -4.32 -26.29 -22.99
N VAL A 114 -3.77 -25.08 -22.94
CA VAL A 114 -2.83 -24.72 -21.89
C VAL A 114 -3.47 -24.28 -20.57
N PHE A 115 -4.57 -23.53 -20.65
CA PHE A 115 -5.16 -22.92 -19.46
C PHE A 115 -6.58 -23.38 -19.15
N GLN A 116 -7.03 -24.42 -19.86
CA GLN A 116 -8.42 -24.87 -19.74
C GLN A 116 -9.34 -23.66 -19.72
N CYS A 117 -9.06 -22.74 -20.64
CA CYS A 117 -9.81 -21.49 -20.73
C CYS A 117 -10.73 -21.52 -21.94
N GLU A 118 -11.99 -21.19 -21.72
CA GLU A 118 -12.94 -21.15 -22.81
C GLU A 118 -13.07 -19.73 -23.33
N VAL A 119 -12.97 -19.57 -24.64
CA VAL A 119 -13.23 -18.28 -25.24
C VAL A 119 -14.59 -18.31 -25.90
N ARG A 120 -15.53 -17.62 -25.26
CA ARG A 120 -16.98 -17.58 -25.40
C ARG A 120 -17.51 -16.24 -25.76
N ASN A 121 -18.62 -16.18 -26.46
CA ASN A 121 -19.16 -14.93 -26.95
C ASN A 121 -20.28 -14.44 -26.09
N VAL A 122 -20.55 -13.17 -26.11
CA VAL A 122 -21.61 -12.72 -25.27
C VAL A 122 -22.14 -11.44 -25.83
N ASN A 123 -23.40 -11.15 -25.56
CA ASN A 123 -24.04 -9.96 -26.10
C ASN A 123 -23.86 -8.76 -25.17
N PHE A 124 -22.71 -8.09 -25.26
CA PHE A 124 -22.43 -6.94 -24.39
C PHE A 124 -23.38 -5.78 -24.64
N GLU A 125 -24.00 -5.77 -25.82
CA GLU A 125 -24.97 -4.73 -26.16
C GLU A 125 -26.16 -4.77 -25.20
N ASP A 126 -26.34 -5.90 -24.52
CA ASP A 126 -27.40 -6.05 -23.53
C ASP A 126 -26.80 -6.42 -22.18
N PRO A 127 -26.28 -5.42 -21.46
CA PRO A 127 -25.53 -5.63 -20.22
C PRO A 127 -26.14 -6.70 -19.33
N ALA A 128 -27.38 -6.48 -18.90
CA ALA A 128 -28.07 -7.40 -18.01
C ALA A 128 -28.03 -8.85 -18.52
N SER A 129 -28.52 -9.08 -19.73
CA SER A 129 -28.51 -10.44 -20.27
C SER A 129 -27.08 -10.97 -20.33
N ALA A 130 -26.15 -10.10 -20.68
CA ALA A 130 -24.74 -10.46 -20.74
C ALA A 130 -24.25 -11.04 -19.41
N CYS A 131 -24.56 -10.32 -18.31
CA CYS A 131 -24.19 -10.78 -16.97
C CYS A 131 -24.87 -12.11 -16.64
N ASP A 132 -26.12 -12.25 -17.07
CA ASP A 132 -26.86 -13.49 -16.89
C ASP A 132 -26.09 -14.67 -17.46
N SER A 133 -25.66 -14.53 -18.72
CA SER A 133 -24.96 -15.63 -19.40
C SER A 133 -23.66 -15.97 -18.68
N ILE A 134 -22.91 -14.95 -18.30
CA ILE A 134 -21.65 -15.16 -17.65
C ILE A 134 -21.84 -15.85 -16.30
N ASN A 135 -22.77 -15.32 -15.51
CA ASN A 135 -23.13 -15.92 -14.23
C ASN A 135 -23.62 -17.36 -14.38
N ALA A 136 -24.53 -17.59 -15.32
CA ALA A 136 -25.01 -18.94 -15.60
C ALA A 136 -23.85 -19.88 -15.91
N TRP A 137 -22.85 -19.38 -16.62
CA TRP A 137 -21.70 -20.20 -17.00
C TRP A 137 -20.79 -20.49 -15.80
N VAL A 138 -20.54 -19.48 -14.98
CA VAL A 138 -19.71 -19.68 -13.80
C VAL A 138 -20.36 -20.69 -12.86
N LYS A 139 -21.62 -20.45 -12.52
CA LYS A 139 -22.38 -21.36 -11.67
C LYS A 139 -22.32 -22.78 -12.22
N ASN A 140 -22.59 -22.94 -13.51
CA ASN A 140 -22.59 -24.25 -14.14
C ASN A 140 -21.19 -24.87 -14.16
N GLU A 141 -20.18 -24.00 -14.30
CA GLU A 141 -18.81 -24.45 -14.44
C GLU A 141 -18.12 -24.68 -13.09
N THR A 142 -18.77 -24.27 -12.01
CA THR A 142 -18.20 -24.39 -10.67
C THR A 142 -19.02 -25.29 -9.74
N ARG A 143 -19.67 -26.31 -10.32
CA ARG A 143 -20.51 -27.20 -9.54
C ARG A 143 -21.56 -26.41 -8.75
N ASP A 144 -22.01 -25.29 -9.34
CA ASP A 144 -23.03 -24.44 -8.73
C ASP A 144 -22.55 -23.81 -7.42
N MET A 145 -21.25 -23.79 -7.19
CA MET A 145 -20.71 -23.25 -5.95
C MET A 145 -20.45 -21.74 -6.02
N ILE A 146 -20.33 -21.22 -7.23
CA ILE A 146 -20.04 -19.80 -7.42
C ILE A 146 -20.97 -19.15 -8.44
N ASP A 147 -21.56 -18.03 -8.04
CA ASP A 147 -22.44 -17.26 -8.92
C ASP A 147 -22.24 -15.75 -8.68
N ASN A 148 -23.02 -14.94 -9.37
CA ASN A 148 -23.01 -13.49 -9.14
C ASN A 148 -21.63 -12.84 -9.26
N LEU A 149 -21.03 -12.92 -10.45
CA LEU A 149 -19.77 -12.22 -10.69
C LEU A 149 -19.99 -10.80 -11.20
N LEU A 150 -20.92 -10.64 -12.14
CA LEU A 150 -21.10 -9.34 -12.78
C LEU A 150 -22.46 -8.72 -12.56
N SER A 151 -22.50 -7.40 -12.66
CA SER A 151 -23.73 -6.64 -12.66
C SER A 151 -23.75 -5.76 -13.89
N PRO A 152 -24.87 -5.31 -14.31
CA PRO A 152 -24.91 -4.55 -15.51
C PRO A 152 -24.01 -3.32 -15.48
N ASP A 153 -23.84 -2.73 -14.33
CA ASP A 153 -23.12 -1.50 -14.09
C ASP A 153 -21.68 -1.58 -14.43
N LEU A 154 -21.15 -2.77 -14.43
CA LEU A 154 -19.80 -2.98 -14.84
C LEU A 154 -19.67 -3.11 -16.33
N ILE A 155 -20.77 -3.07 -17.06
CA ILE A 155 -20.67 -3.27 -18.48
C ILE A 155 -21.08 -2.02 -19.17
N ASP A 156 -20.37 -1.68 -20.21
CA ASP A 156 -20.74 -0.55 -21.01
C ASP A 156 -21.28 -1.20 -22.25
N GLY A 157 -22.54 -0.97 -22.55
CA GLY A 157 -23.06 -1.66 -23.68
C GLY A 157 -22.36 -1.30 -24.97
N VAL A 158 -22.12 -0.04 -25.26
CA VAL A 158 -21.37 0.17 -26.47
C VAL A 158 -19.90 -0.23 -26.38
N LEU A 159 -19.23 0.29 -25.36
CA LEU A 159 -17.80 0.16 -25.16
C LEU A 159 -17.13 -1.17 -24.83
N THR A 160 -17.71 -1.93 -23.95
CA THR A 160 -17.16 -3.20 -23.48
C THR A 160 -17.06 -4.25 -24.60
N ARG A 161 -15.88 -4.82 -24.75
CA ARG A 161 -15.66 -5.81 -25.81
C ARG A 161 -14.98 -7.08 -25.31
N LEU A 162 -14.31 -6.99 -24.17
CA LEU A 162 -13.57 -8.14 -23.64
C LEU A 162 -13.54 -8.16 -22.11
N VAL A 163 -13.91 -9.31 -21.54
CA VAL A 163 -13.91 -9.49 -20.09
C VAL A 163 -13.36 -10.87 -19.74
N LEU A 164 -12.34 -10.90 -18.89
CA LEU A 164 -11.75 -12.15 -18.43
C LEU A 164 -12.40 -12.59 -17.13
N VAL A 165 -12.56 -13.90 -16.96
CA VAL A 165 -13.06 -14.43 -15.71
C VAL A 165 -12.26 -15.63 -15.21
N ASN A 166 -11.86 -15.56 -13.95
CA ASN A 166 -11.21 -16.68 -13.27
C ASN A 166 -11.93 -16.99 -11.97
N ALA A 167 -12.49 -18.20 -11.87
CA ALA A 167 -13.22 -18.61 -10.68
C ALA A 167 -12.64 -19.88 -10.09
N VAL A 168 -12.38 -19.86 -8.78
CA VAL A 168 -11.79 -21.01 -8.11
C VAL A 168 -12.60 -21.41 -6.86
N TYR A 169 -12.92 -22.69 -6.76
CA TYR A 169 -13.63 -23.21 -5.59
C TYR A 169 -12.90 -24.41 -5.00
N PHE A 170 -12.95 -24.56 -3.69
CA PHE A 170 -12.30 -25.68 -3.03
C PHE A 170 -12.89 -25.95 -1.64
N LYS A 171 -12.89 -27.22 -1.25
CA LYS A 171 -13.25 -27.61 0.12
C LYS A 171 -12.34 -28.72 0.61
N GLY A 172 -12.36 -29.85 -0.09
CA GLY A 172 -11.47 -30.96 0.23
C GLY A 172 -11.80 -31.65 1.55
N LEU A 173 -10.97 -32.61 1.93
CA LEU A 173 -11.17 -33.34 3.18
C LEU A 173 -9.87 -33.35 3.99
N TRP A 174 -9.96 -33.01 5.26
CA TRP A 174 -8.77 -32.96 6.11
C TRP A 174 -8.16 -34.35 6.23
N LYS A 175 -6.83 -34.40 6.26
CA LYS A 175 -6.16 -35.65 6.58
C LYS A 175 -6.61 -36.07 7.98
N SER A 176 -6.69 -35.09 8.87
CA SER A 176 -7.19 -35.32 10.22
C SER A 176 -8.44 -34.50 10.48
N ARG A 177 -9.59 -35.16 10.52
CA ARG A 177 -10.88 -34.48 10.62
C ARG A 177 -11.05 -33.74 11.94
N PHE A 178 -11.96 -32.78 11.93
CA PHE A 178 -12.44 -32.18 13.18
C PHE A 178 -13.74 -32.88 13.56
N GLN A 179 -14.02 -32.94 14.85
CA GLN A 179 -15.25 -33.57 15.32
C GLN A 179 -16.29 -32.52 15.72
N PRO A 180 -17.51 -32.65 15.17
CA PRO A 180 -18.61 -31.70 15.34
C PRO A 180 -18.95 -31.43 16.81
N GLU A 181 -18.79 -32.44 17.66
CA GLU A 181 -19.05 -32.28 19.09
C GLU A 181 -18.10 -31.25 19.68
N ASN A 182 -16.94 -31.06 19.04
CA ASN A 182 -15.94 -30.12 19.51
C ASN A 182 -16.09 -28.73 18.90
N THR A 183 -17.03 -28.58 17.98
CA THR A 183 -17.27 -27.30 17.33
C THR A 183 -18.15 -26.41 18.19
N LYS A 184 -17.57 -25.35 18.75
CA LYS A 184 -18.30 -24.46 19.64
C LYS A 184 -18.18 -22.99 19.22
N LYS A 185 -19.20 -22.19 19.52
CA LYS A 185 -19.11 -20.77 19.27
C LYS A 185 -18.09 -20.14 20.21
N ARG A 186 -17.17 -19.36 19.67
CA ARG A 186 -16.13 -18.72 20.46
C ARG A 186 -15.88 -17.29 20.00
N THR A 187 -15.21 -16.52 20.83
CA THR A 187 -14.92 -15.13 20.51
C THR A 187 -13.84 -14.94 19.45
N PHE A 188 -14.17 -14.18 18.41
CA PHE A 188 -13.19 -13.73 17.43
C PHE A 188 -13.11 -12.21 17.56
N VAL A 189 -11.91 -11.69 17.80
CA VAL A 189 -11.76 -10.24 17.90
C VAL A 189 -11.31 -9.67 16.57
N ALA A 190 -12.21 -8.95 15.89
CA ALA A 190 -11.92 -8.45 14.55
C ALA A 190 -11.07 -7.19 14.61
N ALA A 191 -10.79 -6.63 13.44
CA ALA A 191 -9.94 -5.44 13.32
C ALA A 191 -10.48 -4.25 14.12
N ASP A 192 -11.79 -4.03 14.03
CA ASP A 192 -12.44 -2.94 14.77
C ASP A 192 -12.19 -3.06 16.28
N GLY A 193 -11.77 -4.24 16.72
CA GLY A 193 -11.51 -4.49 18.13
C GLY A 193 -12.75 -4.98 18.87
N LYS A 194 -13.82 -5.22 18.11
CA LYS A 194 -15.06 -5.73 18.66
C LYS A 194 -15.01 -7.24 18.68
N SER A 195 -15.77 -7.85 19.59
CA SER A 195 -15.84 -9.30 19.69
C SER A 195 -17.00 -9.87 18.88
N TYR A 196 -16.79 -10.97 18.23
CA TYR A 196 -17.76 -11.64 17.43
C TYR A 196 -17.82 -13.07 17.86
N GLN A 197 -18.98 -13.62 17.78
CA GLN A 197 -19.23 -14.97 18.09
C GLN A 197 -19.25 -15.85 16.88
N VAL A 198 -18.32 -16.76 16.84
CA VAL A 198 -18.04 -17.55 15.68
C VAL A 198 -17.95 -19.00 15.98
N PRO A 199 -18.52 -19.85 15.14
CA PRO A 199 -18.34 -21.29 15.28
C PRO A 199 -16.88 -21.64 15.00
N MET A 200 -16.26 -22.39 15.89
CA MET A 200 -14.87 -22.77 15.66
C MET A 200 -14.62 -24.27 15.81
N LEU A 201 -13.88 -24.81 14.84
CA LEU A 201 -13.43 -26.18 14.89
C LEU A 201 -12.32 -26.30 15.93
N ALA A 202 -12.25 -27.45 16.60
CA ALA A 202 -11.20 -27.71 17.58
C ALA A 202 -10.79 -29.18 17.56
N GLN A 203 -9.49 -29.41 17.60
CA GLN A 203 -8.96 -30.76 17.77
C GLN A 203 -7.56 -30.72 18.33
N LEU A 204 -7.22 -31.73 19.11
CA LEU A 204 -5.87 -31.89 19.64
C LEU A 204 -5.20 -32.97 18.80
N SER A 205 -4.12 -32.61 18.12
CA SER A 205 -3.49 -33.52 17.19
C SER A 205 -2.09 -33.02 16.81
N VAL A 206 -1.37 -33.80 16.01
CA VAL A 206 -0.03 -33.42 15.59
C VAL A 206 -0.08 -32.64 14.28
N PHE A 207 0.48 -31.43 14.29
CA PHE A 207 0.55 -30.60 13.09
C PHE A 207 1.91 -29.94 13.01
N ARG A 208 2.39 -29.73 11.79
CA ARG A 208 3.61 -28.96 11.58
C ARG A 208 3.32 -27.50 11.86
N CYS A 209 4.13 -26.88 12.71
CA CYS A 209 3.95 -25.46 12.98
C CYS A 209 5.22 -24.83 13.50
N GLY A 210 5.17 -23.52 13.54
CA GLY A 210 6.24 -22.60 13.86
C GLY A 210 5.98 -21.14 14.13
N SER A 211 7.05 -20.42 14.40
CA SER A 211 7.14 -18.98 14.47
C SER A 211 8.39 -18.38 13.91
N THR A 212 8.26 -17.18 13.42
CA THR A 212 9.32 -16.36 12.92
C THR A 212 8.94 -14.88 13.01
N SER A 213 9.86 -13.99 12.74
CA SER A 213 9.58 -12.57 12.79
C SER A 213 9.49 -11.98 11.39
N ALA A 214 8.60 -11.01 11.24
CA ALA A 214 8.54 -10.25 10.00
C ALA A 214 9.79 -9.39 9.92
N PRO A 215 10.05 -8.80 8.75
CA PRO A 215 11.20 -7.92 8.56
C PRO A 215 11.28 -6.82 9.64
N ASN A 216 10.14 -6.44 10.19
CA ASN A 216 10.09 -5.36 11.17
C ASN A 216 10.21 -5.84 12.61
N ASP A 217 10.54 -7.12 12.79
CA ASP A 217 10.79 -7.70 14.11
C ASP A 217 9.53 -8.03 14.91
N LEU A 218 8.37 -7.95 14.27
CA LEU A 218 7.13 -8.37 14.90
C LEU A 218 6.90 -9.87 14.65
N TRP A 219 6.62 -10.60 15.71
CA TRP A 219 6.54 -12.06 15.63
C TRP A 219 5.16 -12.56 15.28
N TYR A 220 5.11 -13.72 14.63
CA TYR A 220 3.86 -14.36 14.29
C TYR A 220 4.01 -15.87 14.24
N ASN A 221 2.89 -16.58 14.37
CA ASN A 221 2.87 -18.04 14.35
C ASN A 221 2.23 -18.56 13.08
N PHE A 222 2.63 -19.76 12.67
CA PHE A 222 2.04 -20.37 11.48
C PHE A 222 1.90 -21.89 11.62
N ILE A 223 0.91 -22.43 10.93
CA ILE A 223 0.64 -23.86 11.02
C ILE A 223 0.24 -24.43 9.67
N GLU A 224 0.58 -25.71 9.45
CA GLU A 224 0.16 -26.42 8.25
C GLU A 224 -0.91 -27.48 8.56
N LEU A 225 -2.02 -27.40 7.86
CA LEU A 225 -3.08 -28.39 8.00
C LEU A 225 -3.24 -29.11 6.67
N PRO A 226 -2.74 -30.34 6.58
CA PRO A 226 -2.79 -31.08 5.32
C PRO A 226 -4.18 -31.65 5.02
N TYR A 227 -4.52 -31.72 3.73
CA TYR A 227 -5.73 -32.40 3.29
C TYR A 227 -5.41 -33.87 2.98
N HIS A 228 -6.43 -34.72 2.99
CA HIS A 228 -6.22 -36.16 2.99
C HIS A 228 -5.49 -36.72 1.76
N GLY A 229 -5.66 -36.07 0.61
CA GLY A 229 -4.93 -36.47 -0.60
C GLY A 229 -3.43 -36.29 -0.44
N GLU A 230 -3.03 -35.53 0.58
CA GLU A 230 -1.61 -35.29 0.89
C GLU A 230 -0.82 -34.59 -0.22
N SER A 231 -1.52 -33.88 -1.11
CA SER A 231 -0.86 -33.05 -2.11
C SER A 231 -1.17 -31.58 -1.87
N ILE A 232 -2.26 -31.31 -1.17
CA ILE A 232 -2.70 -29.96 -0.88
C ILE A 232 -2.78 -29.70 0.62
N SER A 233 -2.39 -28.51 1.04
CA SER A 233 -2.46 -28.17 2.46
C SER A 233 -2.80 -26.70 2.66
N MET A 234 -3.42 -26.41 3.80
CA MET A 234 -3.68 -25.04 4.17
C MET A 234 -2.56 -24.55 5.08
N LEU A 235 -2.14 -23.31 4.87
CA LEU A 235 -1.19 -22.67 5.76
C LEU A 235 -1.86 -21.47 6.40
N ILE A 236 -1.65 -21.29 7.70
CA ILE A 236 -2.27 -20.18 8.43
C ILE A 236 -1.24 -19.44 9.26
N ALA A 237 -1.30 -18.12 9.20
CA ALA A 237 -0.40 -17.28 9.99
C ALA A 237 -1.16 -16.12 10.60
N LEU A 238 -0.84 -15.81 11.86
CA LEU A 238 -1.37 -14.63 12.51
C LEU A 238 -0.39 -14.20 13.60
N PRO A 239 -0.47 -12.94 14.03
CA PRO A 239 0.52 -12.36 14.94
C PRO A 239 0.53 -13.04 16.30
N THR A 240 1.71 -13.08 16.92
CA THR A 240 1.84 -13.65 18.25
C THR A 240 1.13 -12.79 19.28
N GLU A 241 1.34 -11.47 19.19
CA GLU A 241 0.76 -10.55 20.16
C GLU A 241 -0.50 -9.90 19.61
N SER A 242 -1.51 -9.75 20.45
CA SER A 242 -2.78 -9.19 20.00
C SER A 242 -2.63 -7.71 19.67
N SER A 243 -1.57 -7.09 20.17
CA SER A 243 -1.29 -5.69 19.88
C SER A 243 -0.61 -5.51 18.54
N THR A 244 -0.41 -6.61 17.82
CA THR A 244 0.16 -6.56 16.48
C THR A 244 -0.94 -6.76 15.45
N PRO A 245 -1.15 -5.76 14.58
CA PRO A 245 -2.15 -5.91 13.53
C PRO A 245 -1.65 -6.83 12.42
N LEU A 246 -2.56 -7.54 11.78
CA LEU A 246 -2.21 -8.42 10.65
C LEU A 246 -1.44 -7.66 9.60
N SER A 247 -1.77 -6.38 9.44
CA SER A 247 -1.14 -5.55 8.41
C SER A 247 0.35 -5.37 8.66
N ALA A 248 0.79 -5.61 9.90
CA ALA A 248 2.20 -5.44 10.25
C ALA A 248 3.06 -6.66 9.92
N ILE A 249 2.44 -7.81 9.66
CA ILE A 249 3.22 -9.02 9.40
C ILE A 249 3.17 -9.53 7.96
N ILE A 250 2.21 -9.04 7.17
CA ILE A 250 2.02 -9.57 5.82
C ILE A 250 2.79 -8.87 4.69
N PRO A 251 3.33 -7.66 4.94
CA PRO A 251 4.11 -7.02 3.88
C PRO A 251 5.33 -7.84 3.46
N HIS A 252 5.64 -7.83 2.17
CA HIS A 252 6.85 -8.50 1.68
C HIS A 252 6.74 -10.03 1.73
N ILE A 253 5.54 -10.56 1.93
CA ILE A 253 5.37 -12.02 1.87
C ILE A 253 5.47 -12.48 0.42
N SER A 254 6.22 -13.55 0.21
CA SER A 254 6.36 -14.11 -1.12
C SER A 254 6.54 -15.61 -0.99
N THR A 255 6.82 -16.29 -2.10
CA THR A 255 7.05 -17.72 -2.04
C THR A 255 8.24 -18.02 -1.15
N LYS A 256 9.21 -17.10 -1.13
CA LYS A 256 10.39 -17.29 -0.29
C LYS A 256 9.99 -17.45 1.17
N THR A 257 9.04 -16.62 1.60
CA THR A 257 8.53 -16.67 2.96
C THR A 257 7.97 -18.05 3.24
N ILE A 258 7.14 -18.55 2.32
CA ILE A 258 6.56 -19.87 2.46
C ILE A 258 7.65 -20.93 2.53
N ASP A 259 8.68 -20.80 1.69
CA ASP A 259 9.82 -21.72 1.74
C ASP A 259 10.51 -21.62 3.09
N SER A 260 10.60 -20.39 3.61
CA SER A 260 11.21 -20.18 4.90
C SER A 260 10.42 -20.92 5.99
N TRP A 261 9.10 -20.82 5.94
CA TRP A 261 8.27 -21.53 6.92
C TRP A 261 8.57 -23.02 6.87
N MET A 262 8.64 -23.55 5.66
CA MET A 262 8.89 -24.99 5.47
C MET A 262 10.10 -25.49 6.24
N SER A 263 11.14 -24.68 6.33
CA SER A 263 12.36 -25.09 7.01
C SER A 263 12.38 -24.69 8.49
N ILE A 264 11.24 -24.19 8.98
CA ILE A 264 11.11 -23.85 10.39
C ILE A 264 10.08 -24.73 11.08
N MET A 265 9.05 -25.12 10.34
CA MET A 265 7.97 -25.94 10.87
C MET A 265 8.48 -27.33 11.24
N VAL A 266 8.11 -27.77 12.44
CA VAL A 266 8.33 -29.14 12.85
C VAL A 266 7.02 -29.67 13.38
N PRO A 267 6.78 -30.97 13.21
CA PRO A 267 5.52 -31.51 13.72
C PRO A 267 5.48 -31.40 15.24
N LYS A 268 4.31 -31.11 15.79
CA LYS A 268 4.13 -31.14 17.23
C LYS A 268 2.66 -31.23 17.63
N ARG A 269 2.42 -31.74 18.84
CA ARG A 269 1.08 -31.92 19.38
C ARG A 269 0.51 -30.56 19.74
N VAL A 270 -0.62 -30.20 19.14
CA VAL A 270 -1.21 -28.87 19.31
C VAL A 270 -2.73 -28.89 19.41
N GLN A 271 -3.26 -28.04 20.30
CA GLN A 271 -4.69 -27.77 20.32
C GLN A 271 -5.02 -26.70 19.28
N VAL A 272 -5.63 -27.10 18.17
CA VAL A 272 -5.98 -26.18 17.11
C VAL A 272 -7.41 -25.69 17.25
N ILE A 273 -7.59 -24.39 17.14
CA ILE A 273 -8.93 -23.81 17.20
C ILE A 273 -9.08 -22.81 16.06
N LEU A 274 -10.05 -23.09 15.18
CA LEU A 274 -10.11 -22.50 13.85
C LEU A 274 -11.56 -22.18 13.51
N PRO A 275 -11.83 -20.96 13.00
CA PRO A 275 -13.19 -20.67 12.60
C PRO A 275 -13.71 -21.65 11.56
N LYS A 276 -14.91 -22.15 11.78
CA LYS A 276 -15.61 -22.88 10.75
C LYS A 276 -16.37 -21.85 9.93
N PHE A 277 -16.02 -21.70 8.65
CA PHE A 277 -16.59 -20.62 7.85
C PHE A 277 -16.34 -20.81 6.36
N THR A 278 -16.93 -19.93 5.57
CA THR A 278 -16.71 -19.90 4.14
C THR A 278 -16.06 -18.58 3.76
N ALA A 279 -14.89 -18.66 3.14
CA ALA A 279 -14.17 -17.49 2.68
C ALA A 279 -14.45 -17.27 1.20
N VAL A 280 -14.98 -16.09 0.87
CA VAL A 280 -15.31 -15.79 -0.52
C VAL A 280 -15.13 -14.30 -0.83
N ALA A 281 -14.48 -14.02 -1.95
CA ALA A 281 -14.28 -12.64 -2.39
C ALA A 281 -14.15 -12.55 -3.90
N GLN A 282 -14.60 -11.43 -4.45
CA GLN A 282 -14.43 -11.16 -5.86
C GLN A 282 -13.64 -9.87 -6.01
N THR A 283 -12.93 -9.73 -7.11
CA THR A 283 -12.13 -8.55 -7.30
C THR A 283 -11.85 -8.31 -8.78
N ASP A 284 -11.69 -7.04 -9.14
CA ASP A 284 -11.25 -6.68 -10.48
C ASP A 284 -9.74 -6.48 -10.43
N LEU A 285 -9.02 -7.27 -11.21
CA LEU A 285 -7.55 -7.27 -11.17
C LEU A 285 -6.93 -6.08 -11.88
N LYS A 286 -7.73 -5.32 -12.62
CA LYS A 286 -7.23 -4.24 -13.47
C LYS A 286 -6.22 -3.29 -12.81
N GLU A 287 -6.62 -2.63 -11.73
CA GLU A 287 -5.76 -1.60 -11.11
C GLU A 287 -4.43 -2.14 -10.59
N PRO A 288 -4.46 -3.22 -9.79
CA PRO A 288 -3.22 -3.80 -9.30
C PRO A 288 -2.29 -4.19 -10.44
N LEU A 289 -2.84 -4.72 -11.53
CA LEU A 289 -2.00 -5.08 -12.67
C LEU A 289 -1.31 -3.86 -13.28
N LYS A 290 -2.02 -2.73 -13.36
CA LYS A 290 -1.41 -1.49 -13.83
C LYS A 290 -0.19 -1.11 -12.99
N VAL A 291 -0.32 -1.19 -11.68
CA VAL A 291 0.77 -0.85 -10.77
C VAL A 291 2.00 -1.70 -11.07
N LEU A 292 1.77 -2.92 -11.54
CA LEU A 292 2.86 -3.82 -11.93
C LEU A 292 3.45 -3.45 -13.30
N GLY A 293 2.79 -2.55 -14.01
CA GLY A 293 3.29 -2.08 -15.29
C GLY A 293 2.54 -2.57 -16.52
N ILE A 294 1.42 -3.26 -16.30
CA ILE A 294 0.59 -3.72 -17.42
C ILE A 294 -0.54 -2.74 -17.65
N THR A 295 -0.32 -1.76 -18.52
CA THR A 295 -1.28 -0.67 -18.72
C THR A 295 -2.00 -0.67 -20.06
N ASP A 296 -1.28 -1.02 -21.12
CA ASP A 296 -1.84 -0.93 -22.48
C ASP A 296 -3.14 -1.71 -22.68
N MET A 297 -3.16 -2.97 -22.27
CA MET A 297 -4.32 -3.83 -22.50
C MET A 297 -5.62 -3.25 -21.97
N PHE A 298 -5.53 -2.31 -21.04
CA PHE A 298 -6.73 -1.70 -20.46
C PHE A 298 -7.10 -0.41 -21.15
N ASP A 299 -6.23 0.08 -22.03
CA ASP A 299 -6.45 1.35 -22.70
C ASP A 299 -7.10 1.16 -24.05
N SER A 300 -8.15 1.93 -24.30
CA SER A 300 -8.95 1.81 -25.51
C SER A 300 -8.12 1.96 -26.79
N SER A 301 -7.15 2.87 -26.78
CA SER A 301 -6.35 3.12 -27.97
C SER A 301 -5.09 2.26 -28.06
N LYS A 302 -4.42 2.08 -26.93
CA LYS A 302 -3.09 1.47 -26.92
C LYS A 302 -3.13 -0.05 -26.91
N ALA A 303 -4.25 -0.62 -26.49
CA ALA A 303 -4.37 -2.07 -26.41
C ALA A 303 -4.10 -2.73 -27.75
N ASN A 304 -3.33 -3.81 -27.72
CA ASN A 304 -2.96 -4.51 -28.95
C ASN A 304 -3.14 -6.01 -28.81
N PHE A 305 -4.31 -6.49 -29.20
CA PHE A 305 -4.61 -7.92 -29.17
C PHE A 305 -4.80 -8.43 -30.59
N ALA A 306 -3.85 -8.10 -31.45
CA ALA A 306 -3.95 -8.46 -32.86
C ALA A 306 -4.04 -9.96 -33.06
N LYS A 307 -3.62 -10.72 -32.05
CA LYS A 307 -3.65 -12.18 -32.16
C LYS A 307 -4.98 -12.78 -31.70
N ILE A 308 -5.91 -11.96 -31.32
CA ILE A 308 -7.22 -12.38 -31.00
C ILE A 308 -8.12 -12.12 -32.18
N THR A 309 -8.12 -10.91 -32.67
CA THR A 309 -8.95 -10.59 -33.77
C THR A 309 -8.25 -9.70 -34.80
N THR A 310 -8.49 -9.97 -36.07
CA THR A 310 -7.88 -9.28 -37.19
C THR A 310 -8.66 -8.07 -37.69
N ASN A 314 -9.04 -1.22 -31.74
CA ASN A 314 -10.29 -1.89 -31.59
C ASN A 314 -10.54 -2.61 -30.26
N LEU A 315 -9.78 -3.63 -29.93
CA LEU A 315 -10.05 -4.46 -28.79
C LEU A 315 -9.20 -4.27 -27.54
N HIS A 316 -9.83 -4.03 -26.40
CA HIS A 316 -9.17 -3.89 -25.12
C HIS A 316 -9.87 -4.62 -23.98
N VAL A 317 -9.20 -4.83 -22.88
CA VAL A 317 -9.75 -5.51 -21.72
C VAL A 317 -10.46 -4.53 -20.80
N SER A 318 -11.72 -4.79 -20.51
CA SER A 318 -12.51 -3.90 -19.67
C SER A 318 -12.36 -4.26 -18.19
N HIS A 319 -12.35 -5.57 -17.91
CA HIS A 319 -12.26 -6.07 -16.55
C HIS A 319 -11.66 -7.47 -16.55
N ILE A 320 -10.92 -7.78 -15.50
CA ILE A 320 -10.42 -9.12 -15.25
C ILE A 320 -10.93 -9.53 -13.89
N LEU A 321 -12.00 -10.32 -13.87
CA LEU A 321 -12.68 -10.66 -12.63
C LEU A 321 -12.27 -12.01 -12.08
N GLN A 322 -11.84 -12.03 -10.82
CA GLN A 322 -11.52 -13.26 -10.13
C GLN A 322 -12.41 -13.41 -8.90
N LYS A 323 -13.02 -14.58 -8.75
CA LYS A 323 -13.78 -14.89 -7.56
C LYS A 323 -13.25 -16.19 -6.95
N ALA A 324 -12.94 -16.13 -5.67
CA ALA A 324 -12.36 -17.28 -4.98
C ALA A 324 -13.25 -17.63 -3.80
N LYS A 325 -13.46 -18.93 -3.60
CA LYS A 325 -14.38 -19.38 -2.55
C LYS A 325 -13.89 -20.69 -1.95
N ILE A 326 -13.62 -20.67 -0.65
CA ILE A 326 -13.19 -21.86 0.06
C ILE A 326 -14.03 -22.06 1.32
N GLU A 327 -14.49 -23.29 1.53
CA GLU A 327 -15.19 -23.60 2.76
C GLU A 327 -14.28 -24.34 3.74
N VAL A 328 -14.30 -23.90 4.98
CA VAL A 328 -13.54 -24.57 6.03
C VAL A 328 -14.50 -25.24 7.00
N SER A 329 -14.48 -26.57 7.03
CA SER A 329 -15.42 -27.34 7.83
C SER A 329 -14.77 -28.49 8.58
N GLU A 330 -15.59 -29.32 9.23
CA GLU A 330 -15.11 -30.46 10.01
C GLU A 330 -14.59 -31.60 9.14
N ASP A 331 -15.24 -31.81 8.00
CA ASP A 331 -15.08 -33.03 7.20
C ASP A 331 -13.62 -33.41 6.88
N GLY A 332 -13.27 -34.65 7.19
CA GLY A 332 -11.95 -35.20 6.91
C GLY A 332 -11.96 -36.72 6.97
N THR A 333 -10.79 -37.31 7.23
CA THR A 333 -10.66 -38.76 7.32
C THR A 333 -10.70 -39.26 8.76
N ARG A 346 1.63 -36.00 29.57
CA ARG A 346 2.69 -35.19 29.02
C ARG A 346 2.52 -33.78 29.48
N SER A 347 3.52 -32.96 29.25
CA SER A 347 3.50 -31.56 29.63
C SER A 347 2.52 -30.83 28.76
N SER A 348 2.05 -29.70 29.20
CA SER A 348 1.03 -29.01 28.44
C SER A 348 1.36 -28.61 27.02
N PRO A 349 0.47 -29.01 26.14
CA PRO A 349 0.57 -28.74 24.73
C PRO A 349 0.32 -27.30 24.44
N PRO A 350 1.04 -26.81 23.49
CA PRO A 350 0.82 -25.44 23.01
C PRO A 350 -0.50 -25.30 22.27
N TRP A 351 -1.00 -24.08 22.18
CA TRP A 351 -2.26 -23.82 21.50
C TRP A 351 -2.04 -23.01 20.23
N PHE A 352 -2.87 -23.28 19.21
CA PHE A 352 -2.91 -22.44 18.03
C PHE A 352 -4.35 -22.00 17.81
N ILE A 353 -4.69 -20.85 18.37
CA ILE A 353 -6.07 -20.37 18.36
C ILE A 353 -6.23 -19.21 17.40
N VAL A 354 -7.00 -19.45 16.34
CA VAL A 354 -7.21 -18.44 15.32
C VAL A 354 -8.40 -17.56 15.70
N ASP A 355 -8.17 -16.59 16.58
CA ASP A 355 -9.24 -15.77 17.13
C ASP A 355 -9.11 -14.28 16.79
N ARG A 356 -8.22 -13.97 15.86
CA ARG A 356 -7.99 -12.58 15.42
C ARG A 356 -7.68 -12.61 13.93
N PRO A 357 -7.78 -11.45 13.25
CA PRO A 357 -7.54 -11.44 11.80
C PRO A 357 -6.30 -12.26 11.41
N PHE A 358 -6.42 -13.05 10.35
CA PHE A 358 -5.36 -13.98 9.98
C PHE A 358 -5.14 -14.09 8.48
N LEU A 359 -4.00 -14.67 8.12
CA LEU A 359 -3.65 -14.91 6.73
C LEU A 359 -3.69 -16.41 6.48
N PHE A 360 -4.11 -16.81 5.29
CA PHE A 360 -4.04 -18.23 4.95
C PHE A 360 -3.68 -18.47 3.50
N PHE A 361 -2.97 -19.57 3.26
CA PHE A 361 -2.64 -20.02 1.92
C PHE A 361 -3.25 -21.38 1.70
N ILE A 362 -3.57 -21.69 0.44
CA ILE A 362 -3.85 -23.05 0.03
C ILE A 362 -2.77 -23.39 -0.99
N ARG A 363 -1.95 -24.40 -0.68
CA ARG A 363 -0.80 -24.71 -1.51
C ARG A 363 -0.89 -26.11 -2.12
N HIS A 364 -0.57 -26.20 -3.41
CA HIS A 364 -0.38 -27.49 -4.06
C HIS A 364 1.10 -27.80 -3.99
N ASN A 365 1.47 -28.69 -3.07
CA ASN A 365 2.88 -28.89 -2.72
C ASN A 365 3.78 -29.49 -3.81
N PRO A 366 3.24 -30.43 -4.61
CA PRO A 366 4.06 -30.99 -5.67
C PRO A 366 4.58 -29.94 -6.65
N THR A 367 3.72 -29.00 -7.04
CA THR A 367 4.10 -27.96 -7.99
C THR A 367 4.56 -26.69 -7.30
N GLY A 368 4.17 -26.53 -6.04
CA GLY A 368 4.45 -25.30 -5.31
C GLY A 368 3.44 -24.20 -5.61
N ALA A 369 2.43 -24.52 -6.41
CA ALA A 369 1.43 -23.51 -6.79
C ALA A 369 0.64 -23.03 -5.59
N VAL A 370 0.48 -21.71 -5.48
CA VAL A 370 -0.35 -21.14 -4.43
C VAL A 370 -1.74 -20.90 -4.99
N LEU A 371 -2.65 -21.83 -4.69
CA LEU A 371 -4.00 -21.80 -5.25
C LEU A 371 -4.87 -20.72 -4.59
N PHE A 372 -4.67 -20.50 -3.29
CA PHE A 372 -5.43 -19.51 -2.55
C PHE A 372 -4.51 -18.69 -1.68
N MET A 373 -4.83 -17.41 -1.56
CA MET A 373 -4.22 -16.56 -0.55
C MET A 373 -5.31 -15.62 -0.02
N GLY A 374 -5.45 -15.58 1.30
CA GLY A 374 -6.54 -14.81 1.87
C GLY A 374 -6.19 -14.06 3.15
N GLN A 375 -6.81 -12.89 3.31
CA GLN A 375 -6.75 -12.22 4.59
C GLN A 375 -8.17 -12.20 5.14
N ILE A 376 -8.36 -12.82 6.30
CA ILE A 376 -9.68 -12.88 6.90
C ILE A 376 -9.75 -11.95 8.11
N ASN A 377 -10.50 -10.87 7.96
CA ASN A 377 -10.70 -9.90 9.04
C ASN A 377 -11.94 -10.20 9.87
N LYS A 378 -12.87 -10.96 9.29
CA LYS A 378 -14.06 -11.39 10.00
C LYS A 378 -14.65 -12.61 9.31
N PRO A 379 -14.50 -13.80 9.92
CA PRO A 379 -15.04 -15.02 9.32
C PRO A 379 -16.53 -14.89 9.04
N ASN B 4 27.39 10.52 9.79
CA ASN B 4 27.33 11.34 8.55
C ASN B 4 25.98 12.05 8.38
N PRO B 5 25.98 13.39 8.48
CA PRO B 5 24.78 14.22 8.39
C PRO B 5 23.82 13.81 7.27
N LEU B 6 24.27 13.84 6.02
CA LEU B 6 23.40 13.50 4.90
C LEU B 6 22.84 12.10 5.04
N SER B 7 23.69 11.16 5.43
CA SER B 7 23.29 9.77 5.60
C SER B 7 22.21 9.62 6.67
N LEU B 8 22.37 10.35 7.77
CA LEU B 8 21.40 10.34 8.86
C LEU B 8 20.05 10.88 8.43
N GLU B 9 20.05 12.02 7.74
CA GLU B 9 18.83 12.60 7.24
C GLU B 9 18.07 11.63 6.31
N GLU B 10 18.80 10.98 5.42
CA GLU B 10 18.19 10.03 4.48
C GLU B 10 17.42 8.92 5.20
N LEU B 11 17.92 8.47 6.33
CA LEU B 11 17.21 7.47 7.12
C LEU B 11 15.88 8.05 7.60
N GLY B 12 15.92 9.27 8.12
CA GLY B 12 14.73 9.95 8.60
C GLY B 12 13.71 10.19 7.51
N SER B 13 14.12 10.85 6.44
CA SER B 13 13.22 11.13 5.31
C SER B 13 12.65 9.86 4.69
N ASN B 14 13.45 8.80 4.63
CA ASN B 14 12.96 7.54 4.07
C ASN B 14 11.85 6.91 4.91
N THR B 15 12.02 6.97 6.23
CA THR B 15 10.99 6.47 7.12
C THR B 15 9.69 7.23 6.85
N GLY B 16 9.80 8.55 6.74
CA GLY B 16 8.64 9.39 6.46
C GLY B 16 8.02 9.07 5.11
N ILE B 17 8.85 8.82 4.10
CA ILE B 17 8.36 8.46 2.78
C ILE B 17 7.60 7.13 2.85
N GLN B 18 8.12 6.18 3.62
CA GLN B 18 7.44 4.90 3.79
C GLN B 18 6.05 5.10 4.39
N VAL B 19 5.90 6.07 5.29
CA VAL B 19 4.60 6.36 5.85
C VAL B 19 3.67 6.92 4.77
N PHE B 20 4.17 7.87 3.99
CA PHE B 20 3.40 8.42 2.88
C PHE B 20 2.90 7.29 1.97
N ASN B 21 3.73 6.31 1.72
CA ASN B 21 3.41 5.18 0.91
C ASN B 21 2.31 4.28 1.39
N GLN B 22 2.19 4.07 2.66
CA GLN B 22 1.08 3.35 3.18
C GLN B 22 -0.25 3.99 3.09
N ILE B 23 -0.28 5.28 3.43
CA ILE B 23 -1.44 6.13 3.43
C ILE B 23 -2.01 6.30 2.08
N VAL B 24 -1.14 6.48 1.14
CA VAL B 24 -1.53 6.66 -0.24
C VAL B 24 -2.14 5.40 -0.88
N LYS B 25 -1.76 4.22 -0.39
CA LYS B 25 -2.31 2.99 -0.92
C LYS B 25 -3.77 2.81 -0.55
N SER B 26 -4.17 3.36 0.60
CA SER B 26 -5.56 3.27 1.02
C SER B 26 -6.38 4.46 0.53
N ARG B 27 -5.71 5.56 0.20
CA ARG B 27 -6.38 6.73 -0.36
C ARG B 27 -5.73 7.15 -1.67
N PRO B 28 -5.84 6.30 -2.70
CA PRO B 28 -5.10 6.50 -3.95
C PRO B 28 -5.51 7.75 -4.72
N HIS B 29 -6.76 8.19 -4.57
CA HIS B 29 -7.24 9.32 -5.35
C HIS B 29 -7.50 10.57 -4.53
N ASP B 30 -6.93 10.63 -3.34
CA ASP B 30 -7.08 11.80 -2.48
C ASP B 30 -5.85 12.69 -2.54
N ASN B 31 -6.02 13.96 -2.16
CA ASN B 31 -4.88 14.83 -1.95
C ASN B 31 -4.28 14.51 -0.60
N ILE B 32 -3.04 14.04 -0.62
CA ILE B 32 -2.34 13.67 0.60
C ILE B 32 -1.03 14.43 0.64
N VAL B 33 -0.81 15.15 1.73
CA VAL B 33 0.44 15.87 1.92
C VAL B 33 1.04 15.54 3.27
N ILE B 34 2.32 15.18 3.24
N ILE B 34 2.27 15.16 3.29
CA ILE B 34 3.03 14.72 4.42
CA ILE B 34 2.96 14.91 4.52
C ILE B 34 4.35 15.47 4.53
C ILE B 34 4.34 15.54 4.57
N SER B 35 4.91 15.54 5.73
CA SER B 35 6.27 16.02 5.91
C SER B 35 7.16 14.87 6.35
N PRO B 36 7.82 14.20 5.39
CA PRO B 36 8.64 13.05 5.77
C PRO B 36 9.63 13.39 6.88
N HIS B 37 10.22 14.57 6.84
CA HIS B 37 11.18 14.93 7.86
C HIS B 37 10.54 15.13 9.23
N GLY B 38 9.31 15.66 9.23
CA GLY B 38 8.59 15.90 10.47
C GLY B 38 8.29 14.60 11.20
N ILE B 39 8.05 13.54 10.42
CA ILE B 39 7.81 12.22 10.99
C ILE B 39 9.06 11.69 11.70
N ALA B 40 10.21 11.82 11.05
CA ALA B 40 11.46 11.43 11.69
C ALA B 40 11.63 12.18 13.01
N SER B 41 11.18 13.43 13.03
CA SER B 41 11.30 14.27 14.22
C SER B 41 10.42 13.80 15.39
N VAL B 42 9.16 13.48 15.11
N VAL B 42 9.21 13.47 15.09
CA VAL B 42 8.26 13.05 16.18
CA VAL B 42 8.26 13.02 16.03
C VAL B 42 8.73 11.72 16.74
C VAL B 42 8.68 11.71 16.67
N LEU B 43 9.23 10.84 15.87
CA LEU B 43 9.83 9.59 16.32
C LEU B 43 11.02 9.84 17.26
N GLY B 44 11.85 10.83 16.90
CA GLY B 44 12.97 11.20 17.74
C GLY B 44 12.52 11.78 19.07
N MET B 45 11.56 12.69 19.00
CA MET B 45 10.94 13.26 20.18
C MET B 45 10.48 12.16 21.12
N LEU B 46 9.82 11.14 20.55
CA LEU B 46 9.34 10.00 21.31
C LEU B 46 10.50 9.18 21.90
N GLN B 47 11.51 8.92 21.09
CA GLN B 47 12.64 8.11 21.53
C GLN B 47 13.28 8.70 22.78
N LEU B 48 13.26 10.02 22.89
CA LEU B 48 13.87 10.69 24.03
C LEU B 48 13.24 10.26 25.35
N GLY B 49 11.98 9.86 25.32
CA GLY B 49 11.26 9.54 26.55
C GLY B 49 11.00 8.06 26.75
N ALA B 50 11.43 7.25 25.79
CA ALA B 50 11.07 5.84 25.78
C ALA B 50 12.10 4.96 26.49
N ASP B 51 11.66 3.77 26.88
CA ASP B 51 12.54 2.81 27.50
C ASP B 51 12.10 1.40 27.13
N GLY B 52 12.88 0.40 27.53
CA GLY B 52 12.52 -0.99 27.30
C GLY B 52 12.21 -1.28 25.83
N ARG B 53 11.22 -2.14 25.59
CA ARG B 53 10.92 -2.56 24.22
C ARG B 53 10.33 -1.42 23.40
N THR B 54 9.68 -0.47 24.07
CA THR B 54 9.17 0.72 23.40
C THR B 54 10.30 1.45 22.69
N LYS B 55 11.38 1.70 23.42
CA LYS B 55 12.56 2.30 22.91
C LYS B 55 13.21 1.44 21.85
N LYS B 56 13.23 0.17 22.01
CA LYS B 56 13.80 -0.71 21.05
C LYS B 56 13.15 -0.75 19.68
N GLN B 57 11.83 -0.77 19.62
CA GLN B 57 11.07 -0.71 18.40
C GLN B 57 11.30 0.61 17.69
N LEU B 58 11.34 1.69 18.43
CA LEU B 58 11.65 2.99 17.82
C LEU B 58 13.05 3.03 17.24
N ALA B 59 14.03 2.58 18.02
CA ALA B 59 15.43 2.58 17.59
C ALA B 59 15.61 1.75 16.32
N MET B 60 14.95 0.60 16.29
CA MET B 60 15.06 -0.33 15.17
C MET B 60 14.48 0.24 13.89
N VAL B 61 13.27 0.79 13.96
CA VAL B 61 12.63 1.36 12.79
C VAL B 61 13.40 2.55 12.25
N MET B 62 13.81 3.44 13.15
CA MET B 62 14.53 4.64 12.76
C MET B 62 15.94 4.31 12.29
N ARG B 63 16.46 3.19 12.79
CA ARG B 63 17.81 2.75 12.47
C ARG B 63 18.86 3.67 13.07
N TYR B 64 18.50 4.33 14.17
CA TYR B 64 19.48 5.08 14.96
C TYR B 64 18.96 5.49 16.34
N GLY B 65 19.88 5.79 17.26
CA GLY B 65 19.51 6.23 18.60
C GLY B 65 19.73 7.72 18.75
N VAL B 66 18.83 8.39 19.38
CA VAL B 66 18.90 9.81 19.54
C VAL B 66 20.08 10.31 20.37
N ASN B 67 20.46 9.57 21.38
CA ASN B 67 21.42 10.01 22.33
C ASN B 67 22.74 10.33 21.70
N GLY B 68 23.22 9.46 20.89
CA GLY B 68 24.52 9.74 20.37
C GLY B 68 24.67 10.53 19.12
N VAL B 69 23.59 11.10 18.68
CA VAL B 69 23.42 11.63 17.33
C VAL B 69 22.67 12.97 17.39
N GLY B 70 22.28 13.36 18.61
CA GLY B 70 21.52 14.57 18.84
C GLY B 70 22.10 15.83 18.24
N LYS B 71 23.39 16.05 18.45
CA LYS B 71 24.06 17.24 17.92
C LYS B 71 23.91 17.33 16.40
N ILE B 72 23.90 16.18 15.73
CA ILE B 72 23.71 16.13 14.29
C ILE B 72 22.23 16.39 13.92
N LEU B 73 21.33 15.65 14.56
CA LEU B 73 19.91 15.91 14.41
C LEU B 73 19.62 17.40 14.62
N LYS B 74 20.17 17.97 15.68
CA LYS B 74 19.95 19.36 16.01
C LYS B 74 20.46 20.29 14.90
N LYS B 75 21.67 19.99 14.41
CA LYS B 75 22.30 20.80 13.35
C LYS B 75 21.41 20.82 12.12
N ILE B 76 20.93 19.66 11.71
CA ILE B 76 20.05 19.53 10.56
C ILE B 76 18.75 20.32 10.76
N ASN B 77 18.11 20.13 11.91
CA ASN B 77 16.85 20.82 12.18
C ASN B 77 16.96 22.35 12.13
N LYS B 78 17.98 22.90 12.78
CA LYS B 78 18.17 24.34 12.77
C LYS B 78 18.47 24.87 11.36
N ALA B 79 19.19 24.09 10.57
CA ALA B 79 19.53 24.50 9.20
C ALA B 79 18.27 24.64 8.35
N ILE B 80 17.32 23.74 8.56
CA ILE B 80 16.06 23.75 7.82
C ILE B 80 15.23 24.99 8.13
N VAL B 81 15.19 25.37 9.40
CA VAL B 81 14.35 26.48 9.86
C VAL B 81 15.05 27.85 9.83
N SER B 82 16.36 27.84 9.67
CA SER B 82 17.15 29.08 9.71
C SER B 82 16.67 30.15 8.74
N LYS B 83 16.75 31.40 9.18
CA LYS B 83 16.39 32.55 8.35
C LYS B 83 17.38 32.72 7.21
N LYS B 84 18.44 31.92 7.22
CA LYS B 84 19.47 32.00 6.18
C LYS B 84 18.94 31.43 4.87
N ASN B 85 17.93 30.56 4.97
CA ASN B 85 17.29 29.98 3.80
C ASN B 85 16.54 31.03 3.00
N LYS B 86 16.20 32.14 3.67
CA LYS B 86 15.41 33.21 3.05
C LYS B 86 13.95 32.76 2.90
N ASP B 87 13.74 31.63 2.24
CA ASP B 87 12.42 31.04 2.16
C ASP B 87 12.18 30.31 3.47
N ILE B 88 11.12 30.67 4.17
CA ILE B 88 10.97 30.23 5.55
C ILE B 88 10.06 29.01 5.70
N VAL B 89 10.64 27.94 6.24
CA VAL B 89 9.86 26.78 6.64
C VAL B 89 9.44 26.94 8.09
N THR B 90 8.15 26.91 8.34
CA THR B 90 7.66 27.03 9.71
C THR B 90 7.32 25.67 10.29
N VAL B 91 7.98 25.32 11.38
CA VAL B 91 7.81 24.03 12.02
C VAL B 91 7.39 24.20 13.48
N ALA B 92 6.37 23.43 13.89
CA ALA B 92 5.93 23.44 15.26
C ALA B 92 5.87 22.02 15.77
N ASN B 93 6.61 21.74 16.84
CA ASN B 93 6.61 20.42 17.45
C ASN B 93 6.26 20.50 18.93
N ALA B 94 5.43 19.57 19.39
CA ALA B 94 5.07 19.55 20.81
C ALA B 94 4.70 18.17 21.32
N VAL B 95 5.04 17.92 22.58
CA VAL B 95 4.56 16.76 23.30
C VAL B 95 3.67 17.26 24.44
N PHE B 96 2.39 16.93 24.37
CA PHE B 96 1.44 17.32 25.41
C PHE B 96 1.17 16.15 26.36
N VAL B 97 1.46 16.36 27.63
CA VAL B 97 1.39 15.30 28.62
C VAL B 97 0.26 15.50 29.60
N LYS B 98 -0.29 14.40 30.04
CA LYS B 98 -1.37 14.41 30.97
C LYS B 98 -0.98 15.17 32.21
N ASN B 99 -1.93 15.87 32.77
CA ASN B 99 -1.64 16.90 33.73
C ASN B 99 -0.95 16.57 35.03
N ALA B 100 -1.33 15.50 35.67
CA ALA B 100 -0.68 15.07 36.88
C ALA B 100 0.78 14.77 36.75
N SER B 101 1.23 14.23 35.64
CA SER B 101 2.60 13.82 35.53
C SER B 101 3.63 14.95 35.73
N GLU B 102 4.72 14.66 36.44
CA GLU B 102 5.81 15.59 36.64
C GLU B 102 6.81 15.16 35.65
N ILE B 103 7.30 16.04 34.81
CA ILE B 103 7.98 15.62 33.64
C ILE B 103 9.43 15.75 33.92
N GLU B 104 10.17 14.71 33.64
CA GLU B 104 11.62 14.72 33.78
C GLU B 104 12.24 15.86 32.99
N VAL B 105 13.17 16.58 33.61
CA VAL B 105 13.73 17.80 33.04
C VAL B 105 14.52 17.56 31.74
N PRO B 106 15.34 16.51 31.71
CA PRO B 106 16.12 16.19 30.52
C PRO B 106 15.22 15.98 29.30
N PHE B 107 14.09 15.32 29.50
CA PHE B 107 13.14 15.09 28.42
C PHE B 107 12.64 16.41 27.85
N VAL B 108 12.33 17.37 28.72
CA VAL B 108 11.88 18.68 28.28
C VAL B 108 13.02 19.42 27.59
N THR B 109 14.20 19.34 28.20
CA THR B 109 15.39 20.05 27.70
C THR B 109 15.91 19.53 26.36
N ARG B 110 16.06 18.21 26.25
N ARG B 110 16.05 18.23 26.24
CA ARG B 110 16.55 17.60 25.02
CA ARG B 110 16.50 17.63 25.02
C ARG B 110 15.59 17.83 23.85
C ARG B 110 15.56 17.80 23.85
N ASN B 111 14.30 17.75 24.11
CA ASN B 111 13.30 18.02 23.08
C ASN B 111 13.37 19.46 22.56
N LYS B 112 13.54 20.41 23.46
CA LYS B 112 13.65 21.82 23.08
C LYS B 112 14.94 22.02 22.28
N ASP B 113 16.04 21.45 22.76
CA ASP B 113 17.35 21.65 22.15
C ASP B 113 17.50 20.98 20.78
N VAL B 114 17.01 19.75 20.66
CA VAL B 114 17.26 18.93 19.48
C VAL B 114 16.19 19.08 18.40
N PHE B 115 14.93 19.09 18.81
CA PHE B 115 13.82 19.12 17.86
C PHE B 115 13.02 20.41 17.91
N GLN B 116 13.50 21.38 18.68
CA GLN B 116 12.76 22.63 18.85
C GLN B 116 11.33 22.27 19.26
N CYS B 117 11.21 21.35 20.19
CA CYS B 117 9.96 20.82 20.56
C CYS B 117 9.54 21.27 21.89
N GLU B 118 8.31 21.58 22.00
CA GLU B 118 7.75 21.98 23.22
C GLU B 118 7.07 20.87 23.96
N VAL B 119 7.45 20.62 25.19
CA VAL B 119 6.76 19.66 25.99
C VAL B 119 6.09 20.30 27.17
N ARG B 120 4.86 19.96 27.45
CA ARG B 120 4.18 20.55 28.59
C ARG B 120 2.90 19.80 28.99
N ASN B 121 2.48 20.00 30.24
CA ASN B 121 1.21 19.47 30.71
C ASN B 121 0.04 20.23 30.11
N VAL B 122 -1.01 19.49 29.78
CA VAL B 122 -2.29 20.12 29.48
C VAL B 122 -3.36 19.34 30.23
N ASN B 123 -4.37 20.06 30.70
CA ASN B 123 -5.44 19.43 31.45
C ASN B 123 -6.46 18.80 30.52
N PHE B 124 -6.19 17.55 30.13
CA PHE B 124 -7.08 16.82 29.22
C PHE B 124 -8.42 16.51 29.87
N GLU B 125 -8.54 16.75 31.16
CA GLU B 125 -9.76 16.42 31.88
C GLU B 125 -10.90 17.35 31.51
N ASP B 126 -10.56 18.56 31.06
CA ASP B 126 -11.51 19.41 30.35
C ASP B 126 -11.15 19.46 28.86
N PRO B 127 -11.70 18.53 28.09
CA PRO B 127 -11.32 18.30 26.70
C PRO B 127 -11.38 19.54 25.81
N ALA B 128 -12.42 20.36 25.99
CA ALA B 128 -12.61 21.54 25.14
C ALA B 128 -11.50 22.56 25.38
N SER B 129 -11.22 22.82 26.65
CA SER B 129 -10.14 23.71 27.04
C SER B 129 -8.79 23.18 26.55
N ALA B 130 -8.58 21.87 26.69
CA ALA B 130 -7.33 21.27 26.25
C ALA B 130 -7.13 21.45 24.75
N CYS B 131 -8.18 21.18 23.98
CA CYS B 131 -8.11 21.35 22.53
C CYS B 131 -7.87 22.81 22.16
N ASP B 132 -8.52 23.73 22.87
CA ASP B 132 -8.31 25.15 22.62
C ASP B 132 -6.84 25.50 22.82
N SER B 133 -6.25 24.98 23.90
CA SER B 133 -4.85 25.28 24.24
C SER B 133 -3.90 24.76 23.18
N ILE B 134 -4.13 23.54 22.74
CA ILE B 134 -3.27 22.92 21.74
C ILE B 134 -3.44 23.63 20.40
N ASN B 135 -4.68 23.89 20.03
CA ASN B 135 -4.94 24.59 18.80
C ASN B 135 -4.35 26.00 18.82
N ALA B 136 -4.58 26.73 19.91
CA ALA B 136 -4.04 28.08 20.03
C ALA B 136 -2.52 28.05 19.91
N TRP B 137 -1.90 27.05 20.53
CA TRP B 137 -0.45 26.91 20.46
C TRP B 137 0.03 26.70 19.01
N VAL B 138 -0.56 25.73 18.31
CA VAL B 138 -0.13 25.44 16.94
C VAL B 138 -0.33 26.66 16.03
N LYS B 139 -1.45 27.35 16.19
CA LYS B 139 -1.74 28.52 15.39
C LYS B 139 -0.70 29.61 15.67
N ASN B 140 -0.38 29.77 16.95
CA ASN B 140 0.62 30.75 17.35
C ASN B 140 2.01 30.43 16.79
N GLU B 141 2.35 29.13 16.73
CA GLU B 141 3.67 28.71 16.27
C GLU B 141 3.81 28.65 14.75
N THR B 142 2.69 28.78 14.03
CA THR B 142 2.73 28.66 12.58
C THR B 142 2.23 29.93 11.89
N ARG B 143 2.48 31.08 12.51
CA ARG B 143 2.04 32.35 11.95
C ARG B 143 0.55 32.32 11.61
N ASP B 144 -0.22 31.63 12.44
CA ASP B 144 -1.68 31.56 12.26
C ASP B 144 -2.06 30.87 10.96
N MET B 145 -1.13 30.10 10.40
N MET B 145 -1.11 30.22 10.35
CA MET B 145 -1.39 29.42 9.12
CA MET B 145 -1.31 29.41 9.19
C MET B 145 -2.04 28.05 9.32
C MET B 145 -2.03 28.09 9.36
N ILE B 146 -1.78 27.43 10.47
CA ILE B 146 -2.34 26.10 10.75
C ILE B 146 -3.13 26.05 12.06
N ASP B 147 -4.27 25.35 12.03
CA ASP B 147 -5.19 25.31 13.16
C ASP B 147 -5.98 24.00 13.18
N ASN B 148 -6.91 23.89 14.13
CA ASN B 148 -7.82 22.76 14.21
C ASN B 148 -7.13 21.41 14.12
N LEU B 149 -6.17 21.18 15.01
CA LEU B 149 -5.54 19.88 15.12
C LEU B 149 -6.49 18.91 15.79
N LEU B 150 -7.15 19.39 16.86
CA LEU B 150 -7.95 18.53 17.72
C LEU B 150 -9.31 19.14 18.03
N SER B 151 -10.30 18.28 18.20
CA SER B 151 -11.58 18.69 18.74
C SER B 151 -11.95 17.73 19.87
N PRO B 152 -12.74 18.21 20.85
CA PRO B 152 -13.07 17.49 22.07
C PRO B 152 -13.62 16.09 21.82
N ASP B 153 -14.35 15.91 20.73
CA ASP B 153 -14.93 14.61 20.41
C ASP B 153 -13.84 13.56 20.09
N LEU B 154 -12.59 13.99 19.97
CA LEU B 154 -11.52 13.06 19.66
C LEU B 154 -10.74 12.62 20.90
N ILE B 155 -10.98 13.29 22.02
CA ILE B 155 -10.20 13.07 23.23
C ILE B 155 -10.95 12.28 24.30
N ASP B 156 -10.23 11.42 25.00
CA ASP B 156 -10.79 10.61 26.09
C ASP B 156 -10.97 11.42 27.38
N GLY B 157 -10.09 12.38 27.61
CA GLY B 157 -10.13 13.15 28.85
C GLY B 157 -9.32 12.46 29.94
N VAL B 158 -9.99 11.71 30.80
CA VAL B 158 -9.30 10.99 31.87
C VAL B 158 -8.21 10.04 31.35
N LEU B 159 -8.46 9.40 30.21
CA LEU B 159 -7.54 8.35 29.72
C LEU B 159 -6.46 8.85 28.77
N THR B 160 -6.66 10.04 28.21
CA THR B 160 -5.66 10.64 27.33
C THR B 160 -4.36 10.86 28.11
N ARG B 161 -3.24 10.43 27.53
CA ARG B 161 -1.96 10.48 28.22
C ARG B 161 -0.99 11.38 27.48
N LEU B 162 -0.72 11.03 26.23
CA LEU B 162 0.32 11.67 25.45
C LEU B 162 -0.26 12.07 24.11
N VAL B 163 -0.05 13.32 23.73
CA VAL B 163 -0.43 13.80 22.41
C VAL B 163 0.76 14.45 21.70
N LEU B 164 1.15 13.90 20.55
CA LEU B 164 2.32 14.39 19.81
C LEU B 164 1.88 15.15 18.57
N VAL B 165 2.47 16.30 18.35
CA VAL B 165 2.13 17.10 17.18
C VAL B 165 3.36 17.55 16.40
N ASN B 166 3.31 17.34 15.08
CA ASN B 166 4.23 17.99 14.18
C ASN B 166 3.44 18.78 13.13
N ALA B 167 3.67 20.09 13.09
CA ALA B 167 2.97 20.95 12.15
C ALA B 167 3.96 21.74 11.30
N VAL B 168 3.72 21.79 10.00
N VAL B 168 3.74 21.76 10.01
CA VAL B 168 4.64 22.47 9.10
CA VAL B 168 4.58 22.44 9.03
C VAL B 168 3.90 23.27 8.03
C VAL B 168 3.87 23.29 8.02
N TYR B 169 4.33 24.51 7.85
CA TYR B 169 3.77 25.39 6.82
C TYR B 169 4.87 25.98 5.97
N PHE B 170 4.57 26.13 4.67
CA PHE B 170 5.56 26.68 3.75
C PHE B 170 4.90 27.32 2.53
N LYS B 171 5.48 28.41 2.06
CA LYS B 171 5.09 29.02 0.80
C LYS B 171 6.33 29.47 0.01
N GLY B 172 7.13 30.33 0.64
CA GLY B 172 8.35 30.80 0.00
C GLY B 172 8.16 31.67 -1.22
N LEU B 173 9.27 32.09 -1.82
CA LEU B 173 9.24 32.92 -3.01
C LEU B 173 10.09 32.26 -4.09
N TRP B 174 9.55 32.18 -5.31
CA TRP B 174 10.26 31.51 -6.39
C TRP B 174 11.51 32.28 -6.78
N LYS B 175 12.55 31.54 -7.15
CA LYS B 175 13.70 32.18 -7.77
C LYS B 175 13.23 32.93 -9.01
N SER B 176 12.23 32.36 -9.67
CA SER B 176 11.68 32.94 -10.89
C SER B 176 10.15 33.00 -10.80
N ARG B 177 9.63 34.19 -10.50
CA ARG B 177 8.20 34.37 -10.27
C ARG B 177 7.35 34.03 -11.50
N PHE B 178 6.10 33.64 -11.25
CA PHE B 178 5.11 33.53 -12.30
C PHE B 178 4.36 34.86 -12.39
N GLN B 179 3.96 35.25 -13.59
CA GLN B 179 3.21 36.49 -13.76
C GLN B 179 1.71 36.20 -13.80
N PRO B 180 0.94 36.85 -12.91
CA PRO B 180 -0.49 36.56 -12.76
C PRO B 180 -1.30 36.76 -14.04
N GLU B 181 -0.82 37.61 -14.94
CA GLU B 181 -1.48 37.79 -16.24
C GLU B 181 -1.47 36.48 -17.01
N ASN B 182 -0.52 35.60 -16.69
CA ASN B 182 -0.37 34.31 -17.38
C ASN B 182 -1.12 33.19 -16.69
N THR B 183 -1.65 33.47 -15.50
CA THR B 183 -2.46 32.49 -14.78
C THR B 183 -3.88 32.47 -15.32
N LYS B 184 -4.29 31.34 -15.84
CA LYS B 184 -5.60 31.10 -16.33
C LYS B 184 -6.13 29.69 -16.14
N LYS B 185 -7.43 29.52 -16.14
CA LYS B 185 -7.99 28.20 -16.08
C LYS B 185 -7.71 27.33 -17.28
N ARG B 186 -7.37 26.10 -17.04
CA ARG B 186 -6.97 25.15 -18.02
C ARG B 186 -7.49 23.84 -17.57
N THR B 187 -7.51 22.88 -18.44
CA THR B 187 -8.04 21.56 -18.15
C THR B 187 -7.11 20.72 -17.28
N PHE B 188 -7.67 20.16 -16.22
CA PHE B 188 -6.97 19.20 -15.38
C PHE B 188 -7.83 17.95 -15.37
N VAL B 189 -7.23 16.80 -15.66
CA VAL B 189 -7.96 15.54 -15.64
C VAL B 189 -7.60 14.76 -14.39
N ALA B 190 -8.54 14.67 -13.46
CA ALA B 190 -8.31 13.96 -12.21
C ALA B 190 -8.21 12.46 -12.43
N ALA B 191 -7.75 11.71 -11.43
CA ALA B 191 -7.73 10.26 -11.51
C ALA B 191 -9.14 9.80 -11.86
N ASP B 192 -10.11 10.63 -11.51
CA ASP B 192 -11.49 10.51 -11.96
C ASP B 192 -11.61 9.97 -13.38
N GLY B 193 -10.82 10.55 -14.28
CA GLY B 193 -11.10 10.45 -15.70
C GLY B 193 -11.89 11.71 -16.05
N LYS B 194 -12.48 12.31 -15.03
CA LYS B 194 -13.22 13.57 -15.16
C LYS B 194 -12.28 14.77 -15.31
N SER B 195 -12.67 15.75 -16.12
CA SER B 195 -11.86 16.95 -16.29
C SER B 195 -12.47 18.19 -15.65
N TYR B 196 -11.62 19.13 -15.26
CA TYR B 196 -12.04 20.33 -14.56
C TYR B 196 -11.25 21.53 -15.03
N GLN B 197 -11.90 22.68 -15.12
CA GLN B 197 -11.20 23.92 -15.37
C GLN B 197 -10.61 24.44 -14.07
N VAL B 198 -9.29 24.60 -14.06
CA VAL B 198 -8.55 24.95 -12.86
C VAL B 198 -7.50 26.02 -13.13
N PRO B 199 -7.37 26.99 -12.22
CA PRO B 199 -6.34 28.02 -12.43
C PRO B 199 -4.94 27.41 -12.44
N MET B 200 -4.15 27.76 -13.45
CA MET B 200 -2.79 27.25 -13.56
C MET B 200 -1.78 28.36 -13.77
N LEU B 201 -0.68 28.28 -13.02
CA LEU B 201 0.46 29.16 -13.24
C LEU B 201 1.14 28.76 -14.53
N ALA B 202 1.77 29.72 -15.20
CA ALA B 202 2.50 29.43 -16.42
C ALA B 202 3.63 30.41 -16.61
N GLN B 203 4.82 29.89 -16.89
CA GLN B 203 5.94 30.73 -17.28
C GLN B 203 6.90 29.99 -18.22
N LEU B 204 7.59 30.75 -19.05
CA LEU B 204 8.58 30.19 -19.96
C LEU B 204 9.96 30.58 -19.46
N SER B 205 10.77 29.59 -19.09
CA SER B 205 12.05 29.85 -18.46
C SER B 205 12.92 28.60 -18.43
N VAL B 206 14.12 28.72 -17.84
CA VAL B 206 15.04 27.59 -17.78
C VAL B 206 14.92 26.86 -16.46
N PHE B 207 14.64 25.55 -16.54
CA PHE B 207 14.45 24.72 -15.35
C PHE B 207 15.14 23.38 -15.53
N ARG B 208 15.74 22.86 -14.48
CA ARG B 208 16.30 21.52 -14.52
C ARG B 208 15.16 20.50 -14.59
N CYS B 209 15.23 19.60 -15.56
CA CYS B 209 14.24 18.54 -15.66
C CYS B 209 14.77 17.31 -16.38
N GLY B 210 13.97 16.24 -16.36
CA GLY B 210 14.35 14.99 -16.99
C GLY B 210 13.28 13.95 -16.79
N SER B 211 13.61 12.70 -17.13
CA SER B 211 12.69 11.60 -16.94
C SER B 211 13.42 10.28 -16.75
N THR B 212 12.72 9.29 -16.23
CA THR B 212 13.28 7.97 -16.01
C THR B 212 12.14 6.98 -15.85
N SER B 213 12.47 5.71 -15.70
CA SER B 213 11.46 4.69 -15.54
C SER B 213 11.45 4.16 -14.11
N ALA B 214 10.29 3.75 -13.65
CA ALA B 214 10.22 3.04 -12.38
C ALA B 214 10.61 1.59 -12.66
N PRO B 215 10.82 0.80 -11.60
CA PRO B 215 11.22 -0.59 -11.81
C PRO B 215 10.23 -1.41 -12.63
N ASN B 216 9.01 -0.89 -12.82
CA ASN B 216 8.03 -1.59 -13.65
C ASN B 216 8.06 -1.18 -15.13
N ASP B 217 9.08 -0.41 -15.50
CA ASP B 217 9.28 0.04 -16.89
C ASP B 217 8.33 1.16 -17.32
N LEU B 218 7.59 1.72 -16.38
CA LEU B 218 6.74 2.85 -16.69
C LEU B 218 7.49 4.15 -16.46
N TRP B 219 7.35 5.10 -17.37
CA TRP B 219 8.13 6.33 -17.30
C TRP B 219 7.39 7.50 -16.67
N TYR B 220 8.15 8.41 -16.09
CA TYR B 220 7.61 9.65 -15.56
C TYR B 220 8.62 10.79 -15.76
N ASN B 221 8.10 12.02 -15.81
CA ASN B 221 8.93 13.19 -15.93
C ASN B 221 9.04 13.91 -14.58
N PHE B 222 10.13 14.64 -14.38
CA PHE B 222 10.28 15.43 -13.18
C PHE B 222 10.93 16.78 -13.48
N ILE B 223 10.65 17.76 -12.66
CA ILE B 223 11.17 19.09 -12.87
C ILE B 223 11.49 19.71 -11.52
N GLU B 224 12.52 20.53 -11.47
CA GLU B 224 12.90 21.22 -10.25
C GLU B 224 12.63 22.71 -10.38
N LEU B 225 11.95 23.26 -9.38
CA LEU B 225 11.64 24.68 -9.36
C LEU B 225 12.24 25.24 -8.09
N PRO B 226 13.35 25.97 -8.20
CA PRO B 226 14.05 26.45 -7.02
C PRO B 226 13.36 27.66 -6.40
N TYR B 227 13.50 27.82 -5.10
CA TYR B 227 13.02 29.01 -4.41
C TYR B 227 14.17 30.01 -4.31
N HIS B 228 13.83 31.28 -4.11
CA HIS B 228 14.81 32.35 -4.31
C HIS B 228 16.00 32.28 -3.36
N GLY B 229 15.84 31.60 -2.23
CA GLY B 229 16.95 31.44 -1.29
C GLY B 229 17.99 30.47 -1.83
N GLU B 230 17.56 29.64 -2.77
CA GLU B 230 18.47 28.69 -3.42
C GLU B 230 18.95 27.57 -2.50
N SER B 231 18.32 27.42 -1.33
CA SER B 231 18.59 26.26 -0.49
C SER B 231 17.45 25.25 -0.60
N ILE B 232 16.26 25.74 -0.87
CA ILE B 232 15.07 24.92 -0.94
C ILE B 232 14.50 24.93 -2.36
N SER B 233 13.99 23.79 -2.82
CA SER B 233 13.34 23.74 -4.11
C SER B 233 12.14 22.79 -4.11
N MET B 234 11.23 23.01 -5.05
CA MET B 234 10.15 22.06 -5.27
C MET B 234 10.49 21.13 -6.42
N LEU B 235 10.10 19.87 -6.25
CA LEU B 235 10.26 18.88 -7.30
C LEU B 235 8.89 18.33 -7.64
N ILE B 236 8.59 18.25 -8.92
CA ILE B 236 7.32 17.69 -9.36
C ILE B 236 7.57 16.50 -10.29
N ALA B 237 6.82 15.43 -10.08
CA ALA B 237 6.93 14.24 -10.92
C ALA B 237 5.54 13.74 -11.28
N LEU B 238 5.36 13.34 -12.53
CA LEU B 238 4.12 12.74 -12.95
C LEU B 238 4.39 11.79 -14.10
N PRO B 239 3.54 10.76 -14.27
CA PRO B 239 3.78 9.76 -15.30
C PRO B 239 3.94 10.41 -16.67
N THR B 240 4.81 9.83 -17.50
CA THR B 240 4.98 10.30 -18.87
C THR B 240 3.70 10.12 -19.68
N GLU B 241 3.08 8.94 -19.53
CA GLU B 241 1.86 8.65 -20.27
C GLU B 241 0.62 8.86 -19.41
N SER B 242 -0.42 9.43 -20.04
CA SER B 242 -1.69 9.70 -19.40
C SER B 242 -2.34 8.40 -18.92
N SER B 243 -2.03 7.30 -19.60
CA SER B 243 -2.64 6.01 -19.28
C SER B 243 -1.92 5.31 -18.12
N THR B 244 -1.01 6.03 -17.46
CA THR B 244 -0.27 5.49 -16.32
C THR B 244 -0.75 6.17 -15.04
N PRO B 245 -1.30 5.39 -14.10
CA PRO B 245 -1.77 5.99 -12.86
C PRO B 245 -0.61 6.34 -11.94
N LEU B 246 -0.80 7.38 -11.13
CA LEU B 246 0.23 7.85 -10.21
C LEU B 246 0.72 6.74 -9.27
N SER B 247 -0.17 5.81 -8.95
CA SER B 247 0.16 4.72 -8.06
C SER B 247 1.15 3.73 -8.68
N ALA B 248 1.37 3.87 -9.99
CA ALA B 248 2.28 2.96 -10.66
C ALA B 248 3.73 3.44 -10.56
N ILE B 249 3.92 4.68 -10.11
CA ILE B 249 5.27 5.24 -10.01
C ILE B 249 5.66 5.65 -8.60
N ILE B 250 4.70 5.67 -7.68
CA ILE B 250 4.97 6.13 -6.32
C ILE B 250 5.77 5.11 -5.51
N PRO B 251 5.33 3.85 -5.51
CA PRO B 251 5.86 2.78 -4.67
C PRO B 251 7.38 2.71 -4.54
N HIS B 252 8.14 2.93 -5.61
CA HIS B 252 9.58 2.74 -5.47
C HIS B 252 10.41 4.03 -5.36
N ILE B 253 9.76 5.12 -4.95
CA ILE B 253 10.45 6.40 -4.82
C ILE B 253 10.97 6.62 -3.40
N SER B 254 12.28 6.73 -3.27
CA SER B 254 12.91 7.01 -1.99
C SER B 254 13.91 8.14 -2.16
N THR B 255 14.63 8.49 -1.10
CA THR B 255 15.64 9.54 -1.18
C THR B 255 16.71 9.15 -2.19
N LYS B 256 16.95 7.86 -2.32
CA LYS B 256 17.90 7.37 -3.31
C LYS B 256 17.41 7.72 -4.71
N THR B 257 16.12 7.54 -4.96
CA THR B 257 15.55 7.91 -6.25
C THR B 257 15.69 9.40 -6.50
N ILE B 258 15.42 10.19 -5.47
CA ILE B 258 15.53 11.63 -5.58
C ILE B 258 16.97 12.01 -5.89
N ASP B 259 17.92 11.42 -5.16
CA ASP B 259 19.34 11.57 -5.48
C ASP B 259 19.55 11.30 -6.95
N SER B 260 19.09 10.13 -7.39
CA SER B 260 19.22 9.72 -8.78
C SER B 260 18.76 10.80 -9.76
N TRP B 261 17.69 11.51 -9.42
CA TRP B 261 17.17 12.53 -10.32
C TRP B 261 18.20 13.63 -10.58
N MET B 262 19.03 13.91 -9.56
CA MET B 262 20.04 14.97 -9.68
C MET B 262 21.08 14.67 -10.78
N SER B 263 21.31 13.40 -11.08
CA SER B 263 22.28 13.04 -12.11
C SER B 263 21.62 12.84 -13.46
N ILE B 264 20.33 13.18 -13.54
CA ILE B 264 19.59 13.04 -14.78
C ILE B 264 19.08 14.40 -15.26
N MET B 265 18.69 15.25 -14.31
CA MET B 265 18.18 16.58 -14.64
C MET B 265 19.25 17.46 -15.26
N VAL B 266 18.85 18.23 -16.25
CA VAL B 266 19.71 19.26 -16.82
C VAL B 266 18.84 20.45 -17.14
N PRO B 267 19.37 21.62 -17.11
CA PRO B 267 18.60 22.80 -17.44
C PRO B 267 18.10 22.85 -18.88
N LYS B 268 16.88 23.26 -19.05
CA LYS B 268 16.25 23.48 -20.30
C LYS B 268 15.22 24.55 -20.22
N ARG B 269 14.99 25.15 -21.35
CA ARG B 269 13.96 26.11 -21.55
C ARG B 269 12.70 25.40 -21.86
N VAL B 270 11.72 25.63 -21.04
CA VAL B 270 10.44 24.93 -21.16
C VAL B 270 9.30 25.83 -20.74
N GLN B 271 8.15 25.64 -21.38
CA GLN B 271 6.90 26.24 -20.93
C GLN B 271 6.38 25.42 -19.78
N VAL B 272 6.50 25.96 -18.58
CA VAL B 272 5.98 25.28 -17.41
C VAL B 272 4.56 25.72 -17.15
N ILE B 273 3.69 24.75 -16.90
CA ILE B 273 2.29 25.01 -16.56
C ILE B 273 1.88 24.08 -15.43
N LEU B 274 1.58 24.66 -14.27
CA LEU B 274 1.15 23.85 -13.13
C LEU B 274 0.04 24.54 -12.35
N PRO B 275 -0.79 23.73 -11.69
CA PRO B 275 -1.91 24.26 -10.93
C PRO B 275 -1.48 25.25 -9.86
N LYS B 276 -2.25 26.32 -9.70
CA LYS B 276 -2.12 27.20 -8.56
C LYS B 276 -3.01 26.62 -7.48
N PHE B 277 -2.42 26.21 -6.37
CA PHE B 277 -3.20 25.51 -5.36
C PHE B 277 -2.62 25.63 -3.96
N THR B 278 -3.47 25.35 -2.98
CA THR B 278 -3.04 25.27 -1.61
C THR B 278 -3.46 23.90 -1.10
N ALA B 279 -2.52 23.19 -0.49
CA ALA B 279 -2.81 21.85 0.03
C ALA B 279 -2.57 21.77 1.53
N VAL B 280 -3.58 21.28 2.24
CA VAL B 280 -3.47 21.07 3.66
C VAL B 280 -3.99 19.67 4.00
N ALA B 281 -3.30 19.00 4.92
CA ALA B 281 -3.65 17.64 5.26
C ALA B 281 -3.23 17.31 6.68
N GLN B 282 -4.12 16.67 7.41
CA GLN B 282 -3.83 16.19 8.74
C GLN B 282 -3.84 14.66 8.72
N THR B 283 -2.79 14.08 9.28
CA THR B 283 -2.64 12.64 9.27
C THR B 283 -2.51 12.10 10.68
N ASP B 284 -3.31 11.09 10.99
CA ASP B 284 -3.11 10.33 12.21
C ASP B 284 -2.06 9.27 11.89
N LEU B 285 -0.90 9.36 12.54
CA LEU B 285 0.24 8.53 12.16
C LEU B 285 0.22 7.14 12.81
N LYS B 286 -0.76 6.88 13.64
CA LYS B 286 -0.78 5.68 14.47
C LYS B 286 -0.62 4.38 13.67
N GLU B 287 -1.55 4.12 12.76
CA GLU B 287 -1.56 2.85 12.02
C GLU B 287 -0.32 2.65 11.15
N PRO B 288 0.05 3.66 10.37
CA PRO B 288 1.25 3.52 9.55
C PRO B 288 2.46 3.14 10.40
N LEU B 289 2.60 3.76 11.56
CA LEU B 289 3.70 3.46 12.46
C LEU B 289 3.64 2.02 12.99
N LYS B 290 2.45 1.55 13.31
CA LYS B 290 2.30 0.15 13.73
C LYS B 290 2.80 -0.81 12.66
N VAL B 291 2.46 -0.53 11.41
CA VAL B 291 2.87 -1.36 10.29
C VAL B 291 4.38 -1.40 10.17
N LEU B 292 5.03 -0.31 10.56
CA LEU B 292 6.49 -0.23 10.51
C LEU B 292 7.16 -1.01 11.63
N GLY B 293 6.36 -1.47 12.59
CA GLY B 293 6.86 -2.29 13.67
C GLY B 293 6.89 -1.58 15.01
N ILE B 294 6.34 -0.36 15.05
CA ILE B 294 6.29 0.41 16.30
C ILE B 294 4.92 0.30 16.95
N THR B 295 4.75 -0.68 17.84
CA THR B 295 3.42 -1.00 18.36
C THR B 295 3.25 -0.73 19.85
N ASP B 296 4.26 -1.02 20.65
CA ASP B 296 4.14 -0.88 22.10
C ASP B 296 3.62 0.50 22.53
N MET B 297 4.16 1.56 21.94
CA MET B 297 3.87 2.91 22.42
C MET B 297 2.40 3.30 22.37
N PHE B 298 1.60 2.57 21.60
CA PHE B 298 0.17 2.89 21.49
C PHE B 298 -0.64 2.07 22.48
N ASP B 299 0.00 1.08 23.08
CA ASP B 299 -0.66 0.16 24.00
C ASP B 299 -0.59 0.71 25.42
N SER B 300 -1.75 0.86 26.06
CA SER B 300 -1.79 1.49 27.38
C SER B 300 -1.02 0.73 28.45
N SER B 301 -0.98 -0.60 28.37
CA SER B 301 -0.21 -1.38 29.37
C SER B 301 1.24 -1.69 28.96
N LYS B 302 1.48 -1.92 27.67
CA LYS B 302 2.82 -2.28 27.20
C LYS B 302 3.77 -1.11 26.93
N ALA B 303 3.20 0.08 26.73
CA ALA B 303 4.02 1.26 26.45
C ALA B 303 4.95 1.56 27.61
N ASN B 304 6.18 1.95 27.30
CA ASN B 304 7.16 2.28 28.32
C ASN B 304 7.81 3.63 28.03
N PHE B 305 7.32 4.66 28.71
CA PHE B 305 7.92 5.97 28.59
C PHE B 305 8.51 6.42 29.93
N ALA B 306 9.24 5.50 30.56
CA ALA B 306 9.84 5.73 31.86
C ALA B 306 10.66 7.01 31.91
N LYS B 307 11.19 7.43 30.77
CA LYS B 307 12.06 8.60 30.72
C LYS B 307 11.30 9.92 30.59
N ILE B 308 10.00 9.87 30.50
CA ILE B 308 9.25 11.07 30.46
C ILE B 308 8.82 11.44 31.85
N THR B 309 8.31 10.50 32.57
CA THR B 309 7.72 10.84 33.80
C THR B 309 8.66 10.62 34.99
N THR B 310 8.94 11.65 35.76
CA THR B 310 9.76 11.50 36.94
C THR B 310 8.89 10.56 37.71
N GLY B 311 9.45 9.49 38.21
CA GLY B 311 8.59 8.52 38.82
C GLY B 311 7.83 7.63 37.85
N SER B 312 6.83 6.97 38.34
CA SER B 312 6.17 6.03 37.50
C SER B 312 4.72 6.34 37.38
N GLU B 313 4.27 6.44 36.16
CA GLU B 313 2.89 6.67 35.90
C GLU B 313 2.85 5.95 34.60
N ASN B 314 1.72 5.36 34.30
CA ASN B 314 1.57 4.71 33.06
C ASN B 314 1.23 5.75 32.02
N LEU B 315 2.04 5.80 31.04
CA LEU B 315 1.92 6.69 29.89
C LEU B 315 1.99 5.93 28.57
N HIS B 316 1.13 6.32 27.64
CA HIS B 316 1.23 5.82 26.26
C HIS B 316 0.85 6.92 25.27
N VAL B 317 1.13 6.71 23.99
CA VAL B 317 0.74 7.67 22.95
C VAL B 317 -0.75 7.53 22.60
N SER B 318 -1.55 8.53 22.99
CA SER B 318 -2.99 8.54 22.72
C SER B 318 -3.29 9.07 21.32
N HIS B 319 -2.54 10.08 20.91
CA HIS B 319 -2.74 10.70 19.61
C HIS B 319 -1.40 11.19 19.08
N ILE B 320 -1.16 10.90 17.82
CA ILE B 320 0.07 11.33 17.17
C ILE B 320 -0.30 11.81 15.78
N LEU B 321 -0.18 13.11 15.57
CA LEU B 321 -0.69 13.69 14.35
C LEU B 321 0.23 14.74 13.73
N GLN B 322 0.18 14.80 12.41
CA GLN B 322 0.94 15.76 11.64
C GLN B 322 -0.04 16.55 10.80
N LYS B 323 0.18 17.85 10.71
CA LYS B 323 -0.59 18.65 9.79
C LYS B 323 0.38 19.46 8.93
N ALA B 324 0.18 19.41 7.63
CA ALA B 324 1.09 20.05 6.69
C ALA B 324 0.28 20.92 5.75
N LYS B 325 0.78 22.14 5.52
CA LYS B 325 0.11 23.05 4.61
C LYS B 325 1.14 23.73 3.71
N ILE B 326 0.90 23.67 2.40
CA ILE B 326 1.76 24.35 1.45
C ILE B 326 0.94 25.16 0.46
N GLU B 327 1.43 26.35 0.13
CA GLU B 327 0.78 27.15 -0.90
C GLU B 327 1.68 27.27 -2.11
N VAL B 328 1.13 26.97 -3.28
CA VAL B 328 1.83 27.16 -4.52
C VAL B 328 1.18 28.31 -5.28
N SER B 329 1.92 29.40 -5.44
CA SER B 329 1.38 30.62 -6.02
C SER B 329 2.37 31.31 -6.98
N GLU B 330 2.02 32.51 -7.43
CA GLU B 330 2.83 33.26 -8.41
C GLU B 330 4.10 33.88 -7.83
N ASP B 331 4.03 34.28 -6.57
CA ASP B 331 5.03 35.15 -5.94
C ASP B 331 6.47 34.66 -6.04
N GLY B 332 7.36 35.56 -6.41
CA GLY B 332 8.80 35.29 -6.44
C GLY B 332 9.60 36.55 -6.67
N THR B 333 10.88 36.40 -7.02
CA THR B 333 11.73 37.54 -7.35
C THR B 333 11.67 37.85 -8.85
N LYS B 334 12.08 39.06 -9.21
CA LYS B 334 12.13 39.47 -10.61
C LYS B 334 13.43 39.03 -11.28
N ALA B 341 20.07 36.94 -24.53
CA ALA B 341 20.37 36.29 -25.79
C ALA B 341 20.29 34.77 -25.68
N ILE B 342 19.16 34.21 -26.10
CA ILE B 342 18.91 32.79 -26.02
C ILE B 342 18.97 32.15 -27.39
N LEU B 343 19.81 31.14 -27.54
CA LEU B 343 20.01 30.49 -28.82
C LEU B 343 18.73 29.78 -29.29
N ILE B 344 18.32 30.06 -30.52
CA ILE B 344 17.20 29.35 -31.11
C ILE B 344 17.70 28.02 -31.68
N ALA B 345 17.24 26.92 -31.07
CA ALA B 345 17.66 25.58 -31.47
C ALA B 345 16.43 24.71 -31.75
N ARG B 346 15.26 25.26 -31.42
CA ARG B 346 13.99 24.62 -31.71
C ARG B 346 13.03 25.65 -32.28
N SER B 347 12.04 25.16 -33.02
CA SER B 347 10.94 26.00 -33.47
C SER B 347 10.18 26.58 -32.27
N SER B 348 10.07 25.78 -31.22
CA SER B 348 9.40 26.25 -30.02
C SER B 348 9.83 25.45 -28.81
N PRO B 349 9.68 26.05 -27.63
CA PRO B 349 10.04 25.42 -26.37
C PRO B 349 9.14 24.23 -26.07
N PRO B 350 9.73 23.12 -25.63
CA PRO B 350 8.93 22.00 -25.13
C PRO B 350 8.07 22.45 -23.95
N TRP B 351 7.02 21.69 -23.67
CA TRP B 351 6.15 22.01 -22.55
C TRP B 351 6.37 21.02 -21.41
N PHE B 352 6.23 21.53 -20.19
CA PHE B 352 6.10 20.66 -19.04
C PHE B 352 4.76 20.99 -18.39
N ILE B 353 3.70 20.29 -18.79
CA ILE B 353 2.35 20.61 -18.34
C ILE B 353 1.87 19.66 -17.25
N VAL B 354 1.56 20.20 -16.08
CA VAL B 354 1.08 19.39 -14.97
C VAL B 354 -0.44 19.46 -14.92
N ASP B 355 -1.09 18.66 -15.76
CA ASP B 355 -2.53 18.71 -15.89
C ASP B 355 -3.17 17.34 -15.64
N ARG B 356 -2.44 16.50 -14.89
CA ARG B 356 -2.91 15.20 -14.46
C ARG B 356 -2.35 14.97 -13.06
N PRO B 357 -2.89 13.97 -12.34
CA PRO B 357 -2.44 13.75 -10.96
C PRO B 357 -0.91 13.71 -10.87
N PHE B 358 -0.36 14.39 -9.87
CA PHE B 358 1.09 14.50 -9.78
C PHE B 358 1.64 14.38 -8.37
N LEU B 359 2.94 14.13 -8.30
CA LEU B 359 3.66 13.99 -7.06
C LEU B 359 4.46 15.25 -6.90
N PHE B 360 4.55 15.78 -5.68
CA PHE B 360 5.46 16.89 -5.44
C PHE B 360 6.26 16.72 -4.15
N PHE B 361 7.45 17.30 -4.13
CA PHE B 361 8.33 17.30 -2.97
C PHE B 361 8.83 18.72 -2.71
N ILE B 362 9.07 19.02 -1.44
CA ILE B 362 9.84 20.20 -1.07
C ILE B 362 11.13 19.71 -0.43
N ARG B 363 12.26 20.10 -0.99
CA ARG B 363 13.54 19.60 -0.56
C ARG B 363 14.46 20.69 -0.03
N HIS B 364 15.02 20.45 1.14
CA HIS B 364 16.12 21.27 1.63
C HIS B 364 17.40 20.63 1.12
N ASN B 365 18.03 21.27 0.15
CA ASN B 365 19.11 20.64 -0.60
C ASN B 365 20.44 20.45 0.16
N PRO B 366 20.83 21.41 1.01
CA PRO B 366 22.07 21.22 1.76
C PRO B 366 22.03 19.99 2.67
N THR B 367 20.91 19.76 3.36
CA THR B 367 20.77 18.62 4.25
C THR B 367 20.15 17.41 3.54
N GLY B 368 19.49 17.67 2.42
CA GLY B 368 18.80 16.61 1.69
C GLY B 368 17.47 16.25 2.32
N ALA B 369 17.08 16.98 3.36
CA ALA B 369 15.82 16.69 4.07
C ALA B 369 14.59 16.90 3.19
N VAL B 370 13.68 15.93 3.22
CA VAL B 370 12.44 16.01 2.45
C VAL B 370 11.37 16.59 3.36
N LEU B 371 11.09 17.88 3.17
CA LEU B 371 10.20 18.61 4.07
C LEU B 371 8.73 18.35 3.77
N PHE B 372 8.43 18.16 2.48
CA PHE B 372 7.07 17.85 2.04
C PHE B 372 7.13 16.75 1.01
N MET B 373 6.12 15.90 1.04
CA MET B 373 5.86 14.96 -0.03
C MET B 373 4.34 14.86 -0.17
N GLY B 374 3.84 15.02 -1.39
CA GLY B 374 2.40 15.03 -1.60
C GLY B 374 1.98 14.47 -2.94
N GLN B 375 0.75 13.98 -3.00
CA GLN B 375 0.13 13.63 -4.26
C GLN B 375 -1.10 14.52 -4.44
N ILE B 376 -1.22 15.10 -5.64
CA ILE B 376 -2.38 15.92 -5.97
C ILE B 376 -3.20 15.24 -7.06
N ASN B 377 -4.40 14.79 -6.70
CA ASN B 377 -5.30 14.16 -7.66
C ASN B 377 -6.38 15.13 -8.13
N LYS B 378 -6.49 16.25 -7.44
CA LYS B 378 -7.49 17.28 -7.75
C LYS B 378 -7.20 18.55 -6.95
N PRO B 379 -6.47 19.49 -7.56
CA PRO B 379 -5.99 20.71 -6.89
C PRO B 379 -7.12 21.62 -6.42
#